data_7U9O
#
_entry.id   7U9O
#
_cell.length_a   1.00
_cell.length_b   1.00
_cell.length_c   1.00
_cell.angle_alpha   90.00
_cell.angle_beta   90.00
_cell.angle_gamma   90.00
#
_symmetry.space_group_name_H-M   'P 1'
#
loop_
_entity.id
_entity.type
_entity.pdbx_description
1 polymer 'Spike glycoprotein'
2 polymer 'NE12 Fab heavy chain'
3 polymer 'NE12 Fab light chain'
4 non-polymer 2-acetamido-2-deoxy-beta-D-glucopyranose
#
loop_
_entity_poly.entity_id
_entity_poly.type
_entity_poly.pdbx_seq_one_letter_code
_entity_poly.pdbx_strand_id
1 'polypeptide(L)'
;QCVNLTTRTQLPPAYTNSFTRGVYYPDKVFRSSVLHSTQDLFLPFFSNVTWFHAIHVSGTNGTKRFDNPVLPFNDGVYFA
STEKSNIIRGWIFGTTLDSKTQSLLIVNNATNVVIKVCEFQFCNDPFLGVYYHKNNKSWMESEFRVYSSANNCTFEYVSQ
PFLMDLEGKQGNFKNLREFVFKNIDGYFKIYSKHTPINLVRDLPQGFSALEPLVDLPIGINITRFQTLLALHRSYLTPGD
SSSGWTAGAAAYYVGYLQPRTFLLKYNENGTITDAVDCALDPLSETKCTLKSFTVEKGIYQTSNFRVQPTESIVRFPNIT
NLCPFGEVFNATRFASVYAWNRKRISNCVADYSVLYNSASFSTFKCYGVSPTKLNDLCFTNVYADSFVIRGDEVRQIAPG
QTGKIADYNYKLPDDFTGCVIAWNSNNLDSKVGGNYNYLYRLFRKSNLKPFERDISTEIYQAGSTPCNGVEGFNCYFPLQ
SYGFQPTNGVGYQPYRVVVLSFELLHAPATVCGPKKSTNLVKNKCVNFNFNGLTGTGVLTESNKKFLPFQQFGRDIADTT
DAVRDPQTLEILDITPCSFGGVSVITPGTNTSNQVAVLYQDVNCTEVPVAIHADQLTPTWRVYSTGSNVFQTRAGCLIGA
EHVNNSYECDIPIGAGICASYQTQTNSPGSASSVASQSIIAYTMSLGAENSVAYSNNSIAIPTNFTISVTTEILPVSMTK
TSVDCTMYICGDSTECSNLLLQYGSFCTQLNRALTGIAVEQDKNTQEVFAQVKQIYKTPPIKDFGGFNFSQILPDPSKPS
KRSPIEDLLFNKVTLADAGFIKQYGDCLGDIAARDLICAQKFNGLTVLPPLLTDEMIAQYTSALLAGTITSGWTFGAGPA
LQIPFPMQMAYRFNGIGVTQNVLYENQKLIANQFNSAIGKIQDSLSSTPSALGKLQDVVNQNAQALNTLVKQLSSNFGAI
SSVLNDILSRLDPPEAEVQIDRLITGRLQSLQTYVTQQLIRAAEIRASANLAATKMSECVLGQSKRVDFCGKGYHLMSFP
QSAPHGVVFLHVTYVPAQEKNFTTAPAICHDGKAHFPREGVFVSNGTHWFVTQRNFYEPQIITTDNTFVSGNCDVVIGIV
NNTVYDPLQPELDSFKEELDKYFKNHTSPDVDLGDISGINASVVNIQKEIDRLNEVAKNLNESLIDLQELGKYEQGSGYI
PEAPRDGQAYVRKDGEWVLLSTFLGRSLEVLFQGPGHHHHHHHHSAWSHPQFEKGGGSGGGGSGGSAWSHPQFEK
;
A,B
2 'polypeptide(L)'
;VQLLEQSGAEVKKPGASVKVSCKASGDTFTGYYMHWVRQAPGQGLEWMGWINPNSGVTNYAQKFQGWVTMTRDTSISTVY
MELNRLRSDDTAVYYCAREETIVGATPPYGLDVWGQGTTVTVSSASTKGPSVFPGAPSSKSTSGGTAALGCLVKDYFPEP
VTVSWNSGALTSGVHTFPAVLQSSGLYSLSSVVTVPSSSLGTQTYICNVDHKPATPRWTRKLSPNLVTKL
;
H
3 'polypeptide(L)'
;ELVLTQSPATLSLSPGERATLSCRASQSVSSYLAWYQQKPGQAPRLLIYDASNRATGIPARFSGSGSGTDFTLTISSLEP
EDFAVYYCQQRSNWPPVTFGQGTRLEIKRTVAAPSVFIFPPSDEQLKSGTASVVCLLNNFYPREAKVQWKVDNALQSGNS
QESVTEQDSKDSTYSLSSTLTLSKADYEKHKVYACEVTHQGLSSPVTKSFNRGEC
;
L
#
loop_
_chem_comp.id
_chem_comp.type
_chem_comp.name
_chem_comp.formula
NAG D-saccharide, beta linking 2-acetamido-2-deoxy-beta-D-glucopyranose 'C8 H15 N O6'
#
# COMPACT_ATOMS: atom_id res chain seq x y z
N VAL A 307 11.15 -68.36 -2.78
CA VAL A 307 12.51 -68.09 -3.20
C VAL A 307 12.84 -66.63 -2.86
N GLN A 308 14.05 -66.41 -2.37
CA GLN A 308 14.53 -65.06 -2.10
C GLN A 308 14.66 -64.26 -3.40
N PRO A 309 14.51 -62.94 -3.33
CA PRO A 309 14.73 -62.12 -4.54
C PRO A 309 16.20 -62.07 -4.90
N THR A 310 16.48 -62.00 -6.20
CA THR A 310 17.85 -62.21 -6.67
C THR A 310 18.61 -60.89 -6.80
N GLU A 311 18.12 -59.96 -7.62
CA GLU A 311 18.72 -58.63 -7.72
C GLU A 311 17.60 -57.59 -7.75
N SER A 312 17.98 -56.35 -8.03
CA SER A 312 17.05 -55.23 -8.07
C SER A 312 16.87 -54.74 -9.51
N ILE A 313 15.66 -54.31 -9.83
CA ILE A 313 15.31 -53.79 -11.15
C ILE A 313 14.79 -52.36 -10.98
N VAL A 314 15.35 -51.43 -11.74
CA VAL A 314 14.95 -50.03 -11.71
C VAL A 314 14.71 -49.57 -13.14
N ARG A 315 13.51 -49.04 -13.42
CA ARG A 315 13.11 -48.62 -14.76
C ARG A 315 12.48 -47.23 -14.66
N PHE A 316 13.27 -46.19 -14.89
CA PHE A 316 12.76 -44.83 -14.98
C PHE A 316 12.81 -44.33 -16.42
N PRO A 317 11.99 -43.35 -16.78
CA PRO A 317 12.02 -42.82 -18.15
C PRO A 317 13.30 -42.06 -18.44
N ASN A 318 13.53 -41.83 -19.74
CA ASN A 318 14.82 -41.34 -20.23
C ASN A 318 14.89 -39.82 -20.30
N ILE A 319 14.52 -39.15 -19.24
CA ILE A 319 14.56 -37.70 -19.22
C ILE A 319 15.89 -37.26 -18.64
N THR A 320 16.33 -36.06 -19.03
CA THR A 320 17.62 -35.57 -18.59
C THR A 320 17.63 -34.10 -18.18
N ASN A 321 16.52 -33.39 -18.30
CA ASN A 321 16.46 -32.03 -17.81
C ASN A 321 16.32 -32.00 -16.30
N LEU A 322 16.77 -30.91 -15.70
CA LEU A 322 16.75 -30.75 -14.25
C LEU A 322 15.71 -29.71 -13.86
N CYS A 323 15.30 -29.74 -12.61
CA CYS A 323 14.17 -28.94 -12.19
C CYS A 323 14.61 -27.50 -11.92
N PRO A 324 13.73 -26.52 -12.11
CA PRO A 324 14.11 -25.13 -11.84
C PRO A 324 13.99 -24.77 -10.35
N PHE A 325 14.90 -25.31 -9.54
CA PHE A 325 14.99 -24.88 -8.16
C PHE A 325 15.85 -23.64 -7.99
N GLY A 326 16.75 -23.38 -8.94
CA GLY A 326 17.49 -22.14 -8.91
C GLY A 326 16.60 -20.93 -9.12
N GLU A 327 15.63 -21.05 -10.04
CA GLU A 327 14.72 -19.96 -10.35
C GLU A 327 13.70 -19.70 -9.24
N VAL A 328 13.64 -20.55 -8.22
CA VAL A 328 12.77 -20.36 -7.08
C VAL A 328 13.55 -19.89 -5.86
N PHE A 329 14.62 -20.60 -5.52
CA PHE A 329 15.40 -20.24 -4.32
C PHE A 329 16.25 -19.01 -4.58
N ASN A 330 16.97 -18.98 -5.69
CA ASN A 330 17.83 -17.84 -6.01
C ASN A 330 17.12 -16.80 -6.87
N ALA A 331 15.95 -16.37 -6.43
CA ALA A 331 15.29 -15.25 -7.08
C ALA A 331 15.80 -13.95 -6.49
N THR A 332 15.71 -12.88 -7.27
CA THR A 332 16.26 -11.59 -6.82
C THR A 332 15.37 -10.96 -5.76
N ARG A 333 14.07 -10.92 -6.01
CA ARG A 333 13.11 -10.35 -5.06
C ARG A 333 11.93 -11.30 -4.90
N PHE A 334 11.59 -11.62 -3.67
CA PHE A 334 10.40 -12.43 -3.41
C PHE A 334 9.17 -11.54 -3.33
N ALA A 335 8.06 -12.12 -2.89
CA ALA A 335 6.79 -11.43 -2.78
C ALA A 335 6.43 -11.24 -1.31
N SER A 336 5.37 -10.49 -1.09
CA SER A 336 4.82 -10.32 0.25
C SER A 336 3.78 -11.40 0.51
N VAL A 337 3.51 -11.65 1.79
CA VAL A 337 2.79 -12.86 2.17
C VAL A 337 1.30 -12.79 1.81
N TYR A 338 0.72 -11.60 1.65
CA TYR A 338 -0.69 -11.56 1.28
C TYR A 338 -0.89 -11.86 -0.20
N ALA A 339 0.14 -11.67 -1.02
CA ALA A 339 0.12 -12.00 -2.44
C ALA A 339 1.32 -12.89 -2.73
N TRP A 340 1.20 -14.17 -2.42
CA TRP A 340 2.33 -15.08 -2.44
C TRP A 340 2.45 -15.78 -3.77
N ASN A 341 3.68 -16.02 -4.20
CA ASN A 341 3.94 -16.49 -5.54
C ASN A 341 3.73 -17.99 -5.62
N ARG A 342 3.63 -18.51 -6.85
CA ARG A 342 3.36 -19.92 -7.05
C ARG A 342 3.94 -20.36 -8.38
N LYS A 343 4.50 -21.57 -8.41
CA LYS A 343 5.16 -22.08 -9.60
C LYS A 343 5.00 -23.59 -9.62
N ARG A 344 4.37 -24.11 -10.68
CA ARG A 344 4.09 -25.53 -10.80
C ARG A 344 5.21 -26.22 -11.58
N ILE A 345 5.78 -27.26 -10.98
CA ILE A 345 6.98 -27.91 -11.49
C ILE A 345 6.60 -29.29 -12.02
N SER A 346 6.97 -29.58 -13.27
CA SER A 346 6.77 -30.90 -13.83
C SER A 346 7.77 -31.17 -14.94
N ASN A 347 7.92 -32.46 -15.26
CA ASN A 347 8.77 -32.98 -16.34
C ASN A 347 10.22 -32.57 -16.18
N CYS A 348 10.84 -33.07 -15.11
CA CYS A 348 12.26 -32.84 -14.85
C CYS A 348 12.76 -33.94 -13.92
N VAL A 349 14.02 -33.82 -13.52
CA VAL A 349 14.65 -34.70 -12.54
C VAL A 349 15.05 -33.85 -11.35
N ALA A 350 14.54 -34.18 -10.17
CA ALA A 350 14.67 -33.34 -9.00
C ALA A 350 15.73 -33.88 -8.07
N ASP A 351 16.71 -33.04 -7.73
CA ASP A 351 17.81 -33.42 -6.86
C ASP A 351 17.54 -32.80 -5.49
N TYR A 352 17.01 -33.60 -4.57
CA TYR A 352 16.83 -33.19 -3.18
C TYR A 352 18.01 -33.57 -2.31
N SER A 353 19.19 -33.74 -2.90
CA SER A 353 20.42 -33.92 -2.16
C SER A 353 21.27 -32.68 -2.11
N VAL A 354 20.95 -31.66 -2.91
CA VAL A 354 21.67 -30.40 -2.90
C VAL A 354 20.99 -29.36 -2.02
N LEU A 355 20.00 -29.77 -1.22
CA LEU A 355 19.29 -28.86 -0.35
C LEU A 355 19.44 -29.24 1.12
N TYR A 356 19.21 -30.51 1.46
CA TYR A 356 19.36 -30.93 2.84
C TYR A 356 20.81 -31.00 3.27
N ASN A 357 21.74 -31.02 2.33
CA ASN A 357 23.16 -30.93 2.65
C ASN A 357 23.64 -29.50 2.79
N SER A 358 22.85 -28.52 2.36
CA SER A 358 23.21 -27.12 2.57
C SER A 358 22.94 -26.72 4.01
N ALA A 359 23.91 -26.06 4.63
CA ALA A 359 23.78 -25.62 6.02
C ALA A 359 23.22 -24.21 6.13
N SER A 360 22.77 -23.63 5.01
CA SER A 360 22.22 -22.28 5.05
C SER A 360 20.79 -22.26 5.57
N PHE A 361 20.04 -23.33 5.37
CA PHE A 361 18.62 -23.31 5.69
C PHE A 361 18.42 -23.56 7.17
N SER A 362 17.90 -22.58 7.88
CA SER A 362 17.75 -22.69 9.32
C SER A 362 16.47 -23.39 9.73
N THR A 363 15.69 -23.87 8.77
CA THR A 363 14.50 -24.69 9.06
C THR A 363 14.27 -25.57 7.85
N PHE A 364 14.24 -26.88 8.05
CA PHE A 364 13.92 -27.80 6.96
C PHE A 364 12.98 -28.84 7.56
N LYS A 365 11.70 -28.55 7.57
CA LYS A 365 10.70 -29.50 8.02
C LYS A 365 10.21 -30.30 6.83
N CYS A 366 9.82 -31.55 7.08
CA CYS A 366 9.05 -32.33 6.11
C CYS A 366 7.99 -33.10 6.88
N TYR A 367 6.84 -33.28 6.24
CA TYR A 367 5.65 -33.75 6.95
C TYR A 367 5.16 -35.11 6.48
N GLY A 368 4.92 -35.31 5.20
CA GLY A 368 4.46 -36.62 4.80
C GLY A 368 5.54 -37.59 4.41
N VAL A 369 6.81 -37.23 4.63
CA VAL A 369 7.94 -37.96 4.07
C VAL A 369 9.18 -37.51 4.84
N SER A 370 10.17 -38.37 4.89
CA SER A 370 11.41 -37.93 5.53
C SER A 370 12.33 -37.28 4.51
N PRO A 371 13.21 -36.36 4.92
CA PRO A 371 14.08 -35.68 3.94
C PRO A 371 15.13 -36.57 3.31
N THR A 372 15.50 -37.67 3.97
CA THR A 372 16.48 -38.58 3.41
C THR A 372 15.89 -39.40 2.27
N LYS A 373 14.61 -39.75 2.38
CA LYS A 373 13.93 -40.65 1.45
C LYS A 373 13.20 -39.86 0.37
N LEU A 374 13.72 -38.69 0.00
CA LEU A 374 13.13 -37.90 -1.06
C LEU A 374 13.66 -38.27 -2.44
N ASN A 375 14.87 -38.82 -2.52
CA ASN A 375 15.49 -39.16 -3.79
C ASN A 375 15.06 -40.52 -4.32
N ASP A 376 13.96 -41.07 -3.83
CA ASP A 376 13.54 -42.41 -4.18
C ASP A 376 12.10 -42.49 -4.67
N LEU A 377 11.29 -41.47 -4.44
CA LEU A 377 9.88 -41.51 -4.77
C LEU A 377 9.63 -40.72 -6.04
N CYS A 378 8.56 -41.05 -6.75
CA CYS A 378 8.11 -40.28 -7.92
C CYS A 378 6.84 -39.53 -7.58
N PHE A 379 6.80 -38.27 -7.97
CA PHE A 379 5.89 -37.26 -7.45
C PHE A 379 4.86 -36.88 -8.50
N THR A 380 3.69 -36.46 -8.03
CA THR A 380 2.68 -35.85 -8.87
C THR A 380 2.32 -34.51 -8.24
N ASN A 381 2.18 -33.48 -9.08
CA ASN A 381 1.72 -32.14 -8.69
C ASN A 381 2.64 -31.49 -7.66
N VAL A 382 3.86 -31.22 -8.08
CA VAL A 382 4.79 -30.47 -7.25
C VAL A 382 4.46 -28.98 -7.37
N TYR A 383 4.52 -28.25 -6.26
CA TYR A 383 4.37 -26.80 -6.27
C TYR A 383 5.52 -26.14 -5.53
N ALA A 384 5.46 -24.82 -5.45
CA ALA A 384 6.43 -24.01 -4.74
C ALA A 384 5.79 -22.66 -4.45
N ASP A 385 5.90 -22.18 -3.21
CA ASP A 385 5.19 -20.99 -2.77
C ASP A 385 6.18 -20.09 -2.04
N SER A 386 6.52 -18.95 -2.62
CA SER A 386 7.56 -18.09 -2.08
C SER A 386 6.96 -16.83 -1.46
N PHE A 387 7.40 -16.50 -0.23
CA PHE A 387 7.02 -15.26 0.43
C PHE A 387 8.01 -14.91 1.53
N VAL A 388 7.84 -13.71 2.08
CA VAL A 388 8.74 -13.14 3.09
C VAL A 388 7.91 -12.82 4.32
N ILE A 389 8.27 -13.41 5.46
CA ILE A 389 7.61 -13.14 6.72
C ILE A 389 8.66 -12.71 7.74
N ARG A 390 8.20 -12.44 8.94
CA ARG A 390 9.05 -12.01 10.04
C ARG A 390 9.47 -13.24 10.84
N GLY A 391 10.59 -13.14 11.53
CA GLY A 391 11.28 -14.32 12.02
C GLY A 391 10.57 -15.11 13.10
N ASP A 392 9.66 -14.48 13.85
CA ASP A 392 8.93 -15.19 14.89
C ASP A 392 7.56 -15.67 14.43
N GLU A 393 7.35 -15.78 13.11
CA GLU A 393 6.11 -16.31 12.56
C GLU A 393 6.35 -17.50 11.65
N VAL A 394 7.57 -18.06 11.63
CA VAL A 394 7.83 -19.26 10.86
C VAL A 394 7.21 -20.47 11.54
N ARG A 395 7.01 -20.41 12.85
CA ARG A 395 6.35 -21.49 13.56
C ARG A 395 4.88 -21.63 13.21
N GLN A 396 4.28 -20.64 12.55
CA GLN A 396 2.90 -20.73 12.13
C GLN A 396 2.73 -21.45 10.81
N ILE A 397 3.79 -21.57 10.02
CA ILE A 397 3.69 -22.26 8.74
C ILE A 397 3.79 -23.75 9.04
N ALA A 398 2.65 -24.36 9.31
CA ALA A 398 2.55 -25.72 9.81
C ALA A 398 1.10 -26.15 9.68
N PRO A 399 0.82 -27.46 9.68
CA PRO A 399 -0.59 -27.91 9.70
C PRO A 399 -1.27 -27.52 11.01
N GLY A 400 -2.29 -26.68 10.91
CA GLY A 400 -3.09 -26.31 12.06
C GLY A 400 -2.42 -25.40 13.06
N GLN A 401 -2.18 -24.14 12.70
CA GLN A 401 -1.70 -23.14 13.63
C GLN A 401 -2.65 -21.95 13.62
N THR A 402 -2.41 -21.01 14.54
CA THR A 402 -3.22 -19.80 14.69
C THR A 402 -2.31 -18.58 14.79
N GLY A 403 -2.86 -17.41 14.47
CA GLY A 403 -2.11 -16.18 14.50
C GLY A 403 -2.69 -15.18 13.52
N LYS A 404 -1.81 -14.51 12.78
CA LYS A 404 -2.23 -13.61 11.72
C LYS A 404 -1.71 -14.01 10.36
N ILE A 405 -0.79 -14.97 10.28
CA ILE A 405 -0.39 -15.49 8.98
C ILE A 405 -1.20 -16.73 8.61
N ALA A 406 -1.45 -17.61 9.57
CA ALA A 406 -2.24 -18.81 9.34
C ALA A 406 -3.73 -18.58 9.50
N ASP A 407 -4.17 -17.33 9.48
CA ASP A 407 -5.60 -17.03 9.56
C ASP A 407 -6.09 -16.10 8.47
N TYR A 408 -5.29 -15.11 8.06
CA TYR A 408 -5.72 -14.20 7.01
C TYR A 408 -4.77 -14.16 5.82
N ASN A 409 -3.65 -14.85 5.87
CA ASN A 409 -2.61 -14.69 4.86
C ASN A 409 -2.30 -15.96 4.10
N TYR A 410 -1.98 -17.05 4.79
CA TYR A 410 -1.54 -18.26 4.13
C TYR A 410 -1.94 -19.44 5.02
N LYS A 411 -2.78 -20.31 4.51
CA LYS A 411 -3.31 -21.43 5.28
C LYS A 411 -2.96 -22.74 4.59
N LEU A 412 -2.36 -23.67 5.33
CA LEU A 412 -2.03 -25.04 4.95
C LEU A 412 -3.10 -25.99 5.41
N PRO A 413 -3.44 -27.03 4.66
CA PRO A 413 -4.47 -27.98 5.09
C PRO A 413 -3.99 -28.86 6.23
N ASP A 414 -4.91 -29.67 6.75
CA ASP A 414 -4.57 -30.56 7.85
C ASP A 414 -3.84 -31.80 7.37
N ASP A 415 -4.31 -32.42 6.30
CA ASP A 415 -3.67 -33.61 5.73
C ASP A 415 -2.68 -33.16 4.64
N PHE A 416 -1.55 -32.65 5.11
CA PHE A 416 -0.56 -32.03 4.24
C PHE A 416 0.63 -32.95 4.04
N THR A 417 1.13 -33.00 2.80
CA THR A 417 2.28 -33.82 2.42
C THR A 417 3.26 -32.93 1.69
N GLY A 418 4.34 -32.54 2.35
CA GLY A 418 5.29 -31.64 1.72
C GLY A 418 6.41 -31.26 2.66
N CYS A 419 7.08 -30.14 2.36
CA CYS A 419 8.24 -29.70 3.10
C CYS A 419 8.28 -28.18 3.17
N VAL A 420 8.68 -27.64 4.31
CA VAL A 420 8.73 -26.20 4.55
C VAL A 420 10.17 -25.79 4.79
N ILE A 421 10.68 -24.86 3.99
CA ILE A 421 12.06 -24.40 4.05
C ILE A 421 12.05 -22.90 4.33
N ALA A 422 12.92 -22.45 5.24
CA ALA A 422 12.94 -21.04 5.62
C ALA A 422 14.32 -20.66 6.12
N TRP A 423 14.89 -19.60 5.56
CA TRP A 423 16.23 -19.16 5.96
C TRP A 423 16.22 -17.64 6.18
N ASN A 424 17.38 -17.09 6.51
CA ASN A 424 17.48 -15.69 6.90
C ASN A 424 18.00 -14.86 5.74
N SER A 425 17.40 -13.70 5.54
CA SER A 425 17.76 -12.83 4.42
C SER A 425 17.79 -11.38 4.87
N ASN A 426 18.43 -11.12 6.02
CA ASN A 426 18.60 -9.76 6.50
C ASN A 426 19.56 -8.96 5.63
N ASN A 427 20.45 -9.63 4.90
CA ASN A 427 21.41 -8.93 4.05
C ASN A 427 20.75 -8.31 2.83
N LEU A 428 19.62 -8.86 2.39
CA LEU A 428 18.99 -8.42 1.15
C LEU A 428 17.70 -7.65 1.35
N ASP A 429 17.06 -7.75 2.51
CA ASP A 429 15.73 -7.21 2.73
C ASP A 429 15.72 -6.16 3.82
N SER A 430 16.78 -5.37 3.93
CA SER A 430 16.85 -4.34 4.97
C SER A 430 17.63 -3.16 4.41
N LYS A 431 16.95 -2.06 4.17
CA LYS A 431 17.57 -0.85 3.67
C LYS A 431 18.04 -0.02 4.86
N VAL A 432 18.44 1.22 4.61
CA VAL A 432 18.94 2.07 5.69
C VAL A 432 17.80 2.81 6.37
N GLY A 433 16.95 3.48 5.59
CA GLY A 433 15.79 4.14 6.18
C GLY A 433 14.74 3.16 6.64
N GLY A 434 14.71 1.99 6.05
CA GLY A 434 13.73 0.96 6.36
C GLY A 434 13.20 0.40 5.06
N ASN A 435 12.60 -0.78 5.15
CA ASN A 435 11.96 -1.41 4.00
C ASN A 435 10.49 -1.51 4.33
N TYR A 436 9.67 -0.62 3.75
CA TYR A 436 8.26 -0.52 4.09
C TYR A 436 7.35 -1.13 3.05
N ASN A 437 7.86 -1.92 2.12
CA ASN A 437 6.94 -2.50 1.14
C ASN A 437 6.95 -4.02 1.12
N TYR A 438 6.95 -4.63 2.29
CA TYR A 438 6.58 -6.03 2.51
C TYR A 438 5.39 -6.01 3.44
N LEU A 439 4.22 -6.37 2.93
CA LEU A 439 2.94 -6.13 3.57
C LEU A 439 2.36 -7.43 4.10
N TYR A 440 1.38 -7.30 5.01
CA TYR A 440 0.61 -8.47 5.42
C TYR A 440 -0.78 -8.03 5.83
N ARG A 441 -1.75 -8.89 5.63
CA ARG A 441 -3.14 -8.56 5.92
C ARG A 441 -3.44 -8.69 7.40
N LEU A 442 -4.09 -7.68 7.96
CA LEU A 442 -4.30 -7.57 9.39
C LEU A 442 -5.76 -7.68 9.79
N PHE A 443 -6.69 -7.30 8.93
CA PHE A 443 -8.12 -7.40 9.19
C PHE A 443 -8.81 -8.10 8.03
N ARG A 444 -9.65 -9.09 8.35
CA ARG A 444 -10.48 -9.71 7.34
C ARG A 444 -11.75 -10.19 8.04
N LYS A 445 -12.82 -10.37 7.25
CA LYS A 445 -14.11 -10.72 7.82
C LYS A 445 -14.14 -12.15 8.36
N SER A 446 -13.34 -13.05 7.79
CA SER A 446 -13.37 -14.46 8.15
C SER A 446 -12.05 -15.09 7.74
N ASN A 447 -11.85 -16.32 8.19
CA ASN A 447 -10.61 -17.05 7.94
C ASN A 447 -10.51 -17.46 6.47
N LEU A 448 -9.44 -18.17 6.16
CA LEU A 448 -9.21 -18.65 4.80
C LEU A 448 -9.44 -20.15 4.72
N LYS A 449 -9.86 -20.59 3.54
CA LYS A 449 -9.78 -22.00 3.20
C LYS A 449 -8.33 -22.35 2.89
N PRO A 450 -7.96 -23.63 3.00
CA PRO A 450 -6.58 -24.01 2.66
C PRO A 450 -6.23 -23.75 1.20
N PHE A 451 -5.05 -23.14 1.01
CA PHE A 451 -4.51 -22.73 -0.29
C PHE A 451 -5.41 -21.72 -1.00
N GLU A 452 -5.85 -20.71 -0.27
CA GLU A 452 -6.69 -19.65 -0.80
C GLU A 452 -5.95 -18.33 -0.76
N ARG A 453 -5.91 -17.63 -1.90
CA ARG A 453 -5.26 -16.35 -2.05
C ARG A 453 -6.31 -15.23 -2.01
N ASP A 454 -5.89 -14.03 -1.59
CA ASP A 454 -6.81 -12.92 -1.41
C ASP A 454 -6.04 -11.61 -1.58
N ILE A 455 -6.21 -10.97 -2.73
CA ILE A 455 -5.64 -9.64 -2.96
C ILE A 455 -6.78 -8.64 -3.09
N SER A 456 -6.76 -7.61 -2.23
CA SER A 456 -7.77 -6.57 -2.18
C SER A 456 -7.26 -5.40 -1.35
N THR A 457 -7.42 -4.20 -1.87
CA THR A 457 -7.10 -2.98 -1.13
C THR A 457 -8.40 -2.21 -0.95
N GLU A 458 -9.18 -2.60 0.06
CA GLU A 458 -10.46 -1.99 0.36
C GLU A 458 -10.53 -1.76 1.85
N ILE A 459 -11.17 -0.67 2.25
CA ILE A 459 -11.22 -0.31 3.67
C ILE A 459 -12.13 -1.28 4.40
N TYR A 460 -11.60 -1.92 5.44
CA TYR A 460 -12.33 -2.91 6.21
C TYR A 460 -13.38 -2.22 7.07
N GLN A 461 -14.61 -2.21 6.59
CA GLN A 461 -15.73 -1.65 7.35
C GLN A 461 -16.05 -2.55 8.55
N ALA A 462 -15.93 -2.00 9.75
CA ALA A 462 -16.41 -2.69 10.93
C ALA A 462 -17.85 -2.28 11.21
N GLY A 463 -18.34 -2.57 12.41
CA GLY A 463 -19.75 -2.38 12.71
C GLY A 463 -20.17 -0.95 12.96
N SER A 464 -20.27 -0.15 11.90
CA SER A 464 -20.59 1.26 12.03
C SER A 464 -21.24 1.75 10.73
N THR A 465 -21.31 3.07 10.59
CA THR A 465 -21.76 3.70 9.36
C THR A 465 -20.74 3.42 8.26
N PRO A 466 -21.17 3.01 7.07
CA PRO A 466 -20.22 2.61 6.03
C PRO A 466 -19.41 3.78 5.49
N CYS A 467 -18.32 3.42 4.82
CA CYS A 467 -17.31 4.38 4.41
C CYS A 467 -16.67 3.91 3.11
N ASN A 468 -16.40 4.85 2.21
CA ASN A 468 -16.21 4.56 0.79
C ASN A 468 -14.86 5.06 0.29
N GLY A 469 -13.84 4.22 0.45
CA GLY A 469 -12.50 4.65 0.06
C GLY A 469 -11.92 5.70 0.98
N VAL A 470 -12.32 5.69 2.25
CA VAL A 470 -12.00 6.74 3.22
C VAL A 470 -11.83 6.07 4.57
N GLU A 471 -10.69 6.32 5.22
CA GLU A 471 -10.49 5.85 6.57
C GLU A 471 -11.21 6.77 7.55
N GLY A 472 -11.69 6.20 8.65
CA GLY A 472 -12.47 6.97 9.59
C GLY A 472 -12.72 6.23 10.89
N PHE A 473 -13.84 6.54 11.54
CA PHE A 473 -14.23 5.86 12.77
C PHE A 473 -14.66 4.44 12.44
N ASN A 474 -13.86 3.45 12.87
CA ASN A 474 -14.01 2.03 12.54
C ASN A 474 -14.03 1.82 11.02
N CYS A 475 -13.04 2.39 10.35
CA CYS A 475 -12.84 2.21 8.91
C CYS A 475 -11.35 2.01 8.62
N TYR A 476 -10.77 1.00 9.28
CA TYR A 476 -9.35 0.70 9.28
C TYR A 476 -8.79 0.47 7.87
N PHE A 477 -7.48 0.56 7.75
CA PHE A 477 -6.78 0.06 6.58
C PHE A 477 -6.64 -1.45 6.66
N PRO A 478 -6.68 -2.17 5.54
CA PRO A 478 -6.60 -3.63 5.63
C PRO A 478 -5.21 -4.20 5.86
N LEU A 479 -4.18 -3.58 5.29
CA LEU A 479 -2.84 -4.16 5.30
C LEU A 479 -1.98 -3.50 6.37
N GLN A 480 -0.69 -3.85 6.39
CA GLN A 480 0.26 -3.39 7.39
C GLN A 480 1.65 -3.72 6.90
N SER A 481 2.58 -2.78 7.00
CA SER A 481 3.93 -3.01 6.49
C SER A 481 4.89 -3.33 7.62
N TYR A 482 5.75 -4.32 7.38
CA TYR A 482 6.80 -4.65 8.32
C TYR A 482 7.88 -3.58 8.27
N GLY A 483 8.38 -3.20 9.43
CA GLY A 483 9.46 -2.23 9.48
C GLY A 483 10.85 -2.83 9.53
N PHE A 484 11.34 -3.36 8.41
CA PHE A 484 12.61 -4.08 8.41
C PHE A 484 13.76 -3.08 8.35
N GLN A 485 14.28 -2.68 9.52
CA GLN A 485 15.54 -1.95 9.51
C GLN A 485 16.62 -2.82 10.17
N PRO A 486 17.90 -2.74 9.75
CA PRO A 486 18.84 -3.84 10.02
C PRO A 486 19.32 -3.93 11.46
N THR A 487 18.97 -2.98 12.32
CA THR A 487 19.35 -3.07 13.72
C THR A 487 18.26 -3.73 14.56
N ASN A 488 17.37 -4.51 13.95
CA ASN A 488 16.41 -5.29 14.69
C ASN A 488 17.09 -6.46 15.37
N GLY A 489 16.47 -6.94 16.43
CA GLY A 489 16.87 -8.22 16.99
C GLY A 489 16.47 -9.37 16.10
N VAL A 490 17.04 -10.54 16.33
CA VAL A 490 16.59 -11.70 15.59
C VAL A 490 15.20 -12.08 16.11
N GLY A 491 14.35 -12.56 15.22
CA GLY A 491 12.95 -12.65 15.51
C GLY A 491 12.14 -11.45 15.07
N TYR A 492 12.80 -10.35 14.69
CA TYR A 492 12.17 -9.27 13.97
C TYR A 492 12.81 -9.05 12.62
N GLN A 493 13.67 -9.96 12.19
CA GLN A 493 14.41 -9.86 10.95
C GLN A 493 13.66 -10.58 9.82
N PRO A 494 13.91 -10.21 8.57
CA PRO A 494 13.17 -10.84 7.47
C PRO A 494 13.67 -12.25 7.16
N TYR A 495 12.86 -13.25 7.49
CA TYR A 495 13.08 -14.57 6.96
C TYR A 495 12.43 -14.68 5.59
N ARG A 496 12.52 -15.84 4.97
CA ARG A 496 12.25 -15.94 3.54
C ARG A 496 11.93 -17.40 3.22
N VAL A 497 10.68 -17.69 2.86
CA VAL A 497 10.10 -19.02 3.03
C VAL A 497 9.68 -19.59 1.67
N VAL A 498 9.92 -20.88 1.47
CA VAL A 498 9.44 -21.64 0.32
C VAL A 498 8.71 -22.87 0.85
N VAL A 499 7.53 -23.15 0.32
CA VAL A 499 6.75 -24.31 0.71
C VAL A 499 6.63 -25.24 -0.49
N LEU A 500 7.26 -26.42 -0.41
CA LEU A 500 7.15 -27.44 -1.44
C LEU A 500 6.02 -28.39 -1.08
N SER A 501 5.02 -28.49 -1.94
CA SER A 501 3.91 -29.40 -1.71
C SER A 501 3.74 -30.32 -2.90
N PHE A 502 3.51 -31.60 -2.64
CA PHE A 502 3.40 -32.60 -3.68
C PHE A 502 2.45 -33.71 -3.25
N GLU A 503 1.86 -34.40 -4.22
CA GLU A 503 0.92 -35.49 -3.98
C GLU A 503 1.53 -36.82 -4.40
N LEU A 504 1.41 -37.82 -3.53
CA LEU A 504 2.03 -39.12 -3.72
C LEU A 504 0.99 -40.12 -4.21
N LEU A 505 1.39 -40.95 -5.18
CA LEU A 505 0.59 -42.06 -5.72
C LEU A 505 -0.79 -41.64 -6.24
N PRO A 508 1.11 -41.80 -14.36
CA PRO A 508 1.15 -40.41 -14.84
C PRO A 508 2.31 -39.63 -14.27
N ALA A 509 3.16 -40.30 -13.48
CA ALA A 509 4.19 -39.63 -12.70
C ALA A 509 5.29 -39.06 -13.59
N THR A 510 5.75 -37.86 -13.26
CA THR A 510 6.74 -37.15 -14.05
C THR A 510 8.03 -36.88 -13.30
N VAL A 511 7.95 -36.29 -12.11
CA VAL A 511 9.12 -35.82 -11.37
C VAL A 511 9.60 -36.94 -10.46
N CYS A 512 10.87 -37.34 -10.63
CA CYS A 512 11.60 -38.08 -9.61
C CYS A 512 13.10 -38.00 -9.81
N GLY A 513 13.81 -38.48 -8.79
CA GLY A 513 15.21 -38.18 -8.59
C GLY A 513 16.12 -39.09 -9.36
N PRO A 514 17.40 -38.75 -9.36
CA PRO A 514 18.37 -39.45 -10.22
C PRO A 514 18.78 -40.82 -9.71
N LYS A 515 17.95 -41.82 -10.04
CA LYS A 515 18.33 -43.21 -9.96
C LYS A 515 18.57 -43.72 -11.36
N LYS A 516 19.56 -44.59 -11.52
CA LYS A 516 19.94 -45.08 -12.84
C LYS A 516 19.13 -46.31 -13.21
N SER A 517 18.63 -46.31 -14.45
CA SER A 517 17.81 -47.41 -14.94
C SER A 517 18.68 -48.62 -15.26
N THR A 518 18.32 -49.78 -14.70
CA THR A 518 18.97 -51.03 -15.04
C THR A 518 18.34 -51.62 -16.31
N ASN A 519 18.78 -52.80 -16.69
CA ASN A 519 18.21 -53.48 -17.84
C ASN A 519 17.03 -54.34 -17.38
N LEU A 520 16.54 -55.20 -18.27
CA LEU A 520 15.37 -56.02 -17.99
C LEU A 520 15.78 -57.47 -17.77
N VAL A 521 15.20 -58.10 -16.75
CA VAL A 521 15.49 -59.48 -16.37
C VAL A 521 14.17 -60.23 -16.29
N LYS A 522 14.02 -61.29 -17.08
CA LYS A 522 12.77 -62.01 -17.19
C LYS A 522 12.84 -63.40 -16.57
N ASN A 523 11.68 -63.86 -16.08
CA ASN A 523 11.46 -65.21 -15.56
C ASN A 523 12.36 -65.53 -14.36
N LYS A 524 12.58 -64.53 -13.52
CA LYS A 524 13.34 -64.69 -12.29
C LYS A 524 12.65 -63.90 -11.18
N CYS A 525 12.68 -64.44 -9.97
CA CYS A 525 12.06 -63.79 -8.82
C CYS A 525 12.95 -62.63 -8.40
N VAL A 526 12.60 -61.42 -8.84
CA VAL A 526 13.43 -60.23 -8.63
C VAL A 526 12.61 -59.17 -7.91
N ASN A 527 13.31 -58.16 -7.41
CA ASN A 527 12.69 -56.95 -6.87
C ASN A 527 12.71 -55.87 -7.94
N PHE A 528 11.56 -55.24 -8.15
CA PHE A 528 11.37 -54.31 -9.25
C PHE A 528 11.01 -52.93 -8.73
N ASN A 529 11.23 -51.94 -9.60
CA ASN A 529 10.82 -50.56 -9.31
C ASN A 529 10.48 -49.90 -10.64
N PHE A 530 9.21 -50.00 -11.04
CA PHE A 530 8.73 -49.45 -12.31
C PHE A 530 8.12 -48.08 -12.04
N ASN A 531 8.97 -47.06 -12.03
CA ASN A 531 8.58 -45.65 -11.99
C ASN A 531 7.80 -45.31 -10.71
N GLY A 532 8.00 -46.09 -9.64
CA GLY A 532 7.30 -45.85 -8.40
C GLY A 532 6.80 -47.08 -7.69
N LEU A 533 6.60 -48.18 -8.42
CA LEU A 533 5.95 -49.37 -7.88
C LEU A 533 6.99 -50.30 -7.28
N THR A 534 6.90 -50.55 -5.99
CA THR A 534 7.76 -51.52 -5.33
C THR A 534 7.01 -52.84 -5.15
N GLY A 535 7.78 -53.92 -5.14
CA GLY A 535 7.18 -55.24 -4.95
C GLY A 535 8.20 -56.33 -5.21
N THR A 536 7.67 -57.55 -5.32
CA THR A 536 8.48 -58.75 -5.53
C THR A 536 7.68 -59.74 -6.35
N GLY A 537 8.07 -59.94 -7.60
CA GLY A 537 7.36 -60.84 -8.49
C GLY A 537 8.21 -61.42 -9.59
N VAL A 538 7.57 -62.06 -10.57
CA VAL A 538 8.25 -62.63 -11.73
C VAL A 538 7.68 -61.99 -12.99
N LEU A 539 8.55 -61.45 -13.83
CA LEU A 539 8.16 -60.67 -14.99
C LEU A 539 8.11 -61.55 -16.22
N THR A 540 6.95 -61.60 -16.87
CA THR A 540 6.75 -62.34 -18.12
C THR A 540 6.22 -61.38 -19.18
N GLU A 541 5.76 -61.95 -20.30
CA GLU A 541 5.24 -61.17 -21.42
C GLU A 541 3.73 -61.26 -21.46
N SER A 542 3.09 -60.15 -21.84
CA SER A 542 1.65 -59.99 -21.76
C SER A 542 1.00 -60.21 -23.13
N ASN A 543 -0.32 -59.99 -23.17
CA ASN A 543 -1.09 -60.21 -24.38
C ASN A 543 -1.77 -58.95 -24.90
N LYS A 544 -2.57 -58.28 -24.08
CA LYS A 544 -3.41 -57.17 -24.53
C LYS A 544 -3.49 -56.09 -23.47
N LYS A 545 -3.41 -54.84 -23.89
CA LYS A 545 -3.55 -53.72 -22.98
C LYS A 545 -4.71 -52.83 -23.40
N GLN A 551 -1.29 -47.69 -18.01
CA GLN A 551 -0.41 -48.24 -16.97
C GLN A 551 -1.20 -48.80 -15.80
N PHE A 552 -0.46 -49.36 -14.84
CA PHE A 552 -0.87 -49.74 -13.49
C PHE A 552 -1.80 -50.94 -13.41
N GLY A 553 -2.39 -51.35 -14.54
CA GLY A 553 -2.92 -52.69 -14.83
C GLY A 553 -3.51 -53.58 -13.76
N ARG A 554 -4.24 -53.05 -12.78
CA ARG A 554 -4.60 -53.90 -11.65
C ARG A 554 -5.88 -54.68 -11.94
N ASP A 555 -6.13 -55.70 -11.13
CA ASP A 555 -7.26 -56.61 -11.34
C ASP A 555 -8.23 -56.54 -10.16
N ILE A 556 -9.14 -57.53 -10.11
CA ILE A 556 -10.23 -57.59 -9.15
C ILE A 556 -9.73 -57.69 -7.70
N ALA A 557 -8.51 -58.16 -7.49
CA ALA A 557 -7.94 -58.29 -6.15
C ALA A 557 -7.34 -56.99 -5.63
N ASP A 558 -7.55 -55.87 -6.34
CA ASP A 558 -7.05 -54.54 -5.99
C ASP A 558 -5.53 -54.48 -5.92
N THR A 559 -4.86 -55.37 -6.65
CA THR A 559 -3.41 -55.48 -6.65
C THR A 559 -2.89 -55.42 -8.08
N THR A 560 -1.69 -54.89 -8.23
CA THR A 560 -1.07 -54.76 -9.54
C THR A 560 -0.63 -56.13 -10.05
N ASP A 561 -1.02 -56.47 -11.28
CA ASP A 561 -0.46 -57.65 -11.92
C ASP A 561 -0.07 -57.42 -13.37
N ALA A 562 -0.03 -56.17 -13.83
CA ALA A 562 0.56 -55.84 -15.12
C ALA A 562 1.12 -54.43 -15.03
N VAL A 563 2.10 -54.15 -15.87
CA VAL A 563 2.76 -52.84 -15.87
C VAL A 563 3.37 -52.57 -17.24
N ARG A 564 3.14 -51.38 -17.77
CA ARG A 564 3.78 -50.97 -19.00
C ARG A 564 5.21 -50.56 -18.72
N ASP A 565 6.15 -51.07 -19.49
CA ASP A 565 7.55 -50.73 -19.29
C ASP A 565 7.81 -49.31 -19.76
N PRO A 566 8.33 -48.42 -18.91
CA PRO A 566 8.36 -47.00 -19.23
C PRO A 566 9.39 -46.58 -20.26
N GLN A 567 10.30 -47.46 -20.68
CA GLN A 567 11.28 -47.09 -21.69
C GLN A 567 11.08 -47.78 -23.04
N THR A 568 10.36 -48.88 -23.07
CA THR A 568 9.92 -49.49 -24.32
C THR A 568 8.51 -49.99 -24.08
N LEU A 569 7.58 -49.63 -24.95
CA LEU A 569 6.17 -49.60 -24.62
C LEU A 569 5.50 -50.97 -24.55
N GLU A 570 6.26 -52.07 -24.52
CA GLU A 570 5.71 -53.40 -24.35
C GLU A 570 5.14 -53.58 -22.95
N ILE A 571 4.17 -54.48 -22.85
CA ILE A 571 3.44 -54.72 -21.61
C ILE A 571 4.06 -55.93 -20.93
N LEU A 572 4.25 -55.84 -19.62
CA LEU A 572 4.79 -56.94 -18.83
C LEU A 572 3.74 -57.39 -17.82
N ASP A 573 3.89 -58.62 -17.34
CA ASP A 573 3.04 -59.14 -16.29
C ASP A 573 3.80 -59.12 -14.97
N ILE A 574 3.08 -59.39 -13.89
CA ILE A 574 3.68 -59.61 -12.58
C ILE A 574 3.02 -60.85 -12.00
N THR A 575 3.79 -61.92 -11.88
CA THR A 575 3.35 -63.12 -11.21
C THR A 575 4.07 -63.21 -9.88
N PRO A 576 3.36 -63.40 -8.76
CA PRO A 576 4.04 -63.46 -7.46
C PRO A 576 4.86 -64.73 -7.30
N CYS A 577 5.95 -64.60 -6.55
CA CYS A 577 6.92 -65.67 -6.39
C CYS A 577 6.38 -66.83 -5.56
N PHE B 19 -30.32 -40.50 -23.07
CA PHE B 19 -30.59 -41.94 -22.97
C PHE B 19 -29.55 -42.61 -22.08
N THR B 20 -28.50 -43.15 -22.69
CA THR B 20 -27.35 -43.74 -22.00
C THR B 20 -26.05 -43.22 -22.59
N ARG B 21 -25.94 -41.91 -22.78
CA ARG B 21 -24.75 -41.32 -23.39
C ARG B 21 -23.96 -40.54 -22.36
N GLY B 22 -22.64 -40.58 -22.51
CA GLY B 22 -21.74 -39.79 -21.70
C GLY B 22 -20.98 -40.52 -20.61
N VAL B 23 -20.77 -41.82 -20.75
CA VAL B 23 -20.00 -42.61 -19.80
C VAL B 23 -18.58 -42.72 -20.30
N TYR B 24 -17.64 -42.15 -19.55
CA TYR B 24 -16.25 -42.09 -19.94
C TYR B 24 -15.40 -43.02 -19.08
N TYR B 25 -14.09 -43.02 -19.33
CA TYR B 25 -13.15 -43.79 -18.54
C TYR B 25 -12.63 -42.93 -17.41
N PRO B 26 -13.01 -43.18 -16.16
CA PRO B 26 -12.62 -42.25 -15.08
C PRO B 26 -11.15 -42.30 -14.72
N ASP B 27 -10.55 -43.48 -14.63
CA ASP B 27 -9.16 -43.63 -14.24
C ASP B 27 -8.34 -44.16 -15.42
N LYS B 28 -7.04 -44.34 -15.19
CA LYS B 28 -6.13 -44.83 -16.21
C LYS B 28 -5.66 -46.25 -15.88
N VAL B 29 -6.58 -47.07 -15.39
CA VAL B 29 -6.30 -48.42 -14.95
C VAL B 29 -7.00 -49.41 -15.88
N PHE B 30 -6.24 -50.34 -16.44
CA PHE B 30 -6.82 -51.42 -17.21
C PHE B 30 -7.50 -52.41 -16.28
N ARG B 31 -8.73 -52.82 -16.62
CA ARG B 31 -9.42 -53.88 -15.91
C ARG B 31 -10.05 -54.82 -16.92
N SER B 32 -10.45 -56.00 -16.45
CA SER B 32 -10.91 -57.03 -17.36
C SER B 32 -11.84 -57.99 -16.65
N SER B 33 -13.05 -58.16 -17.22
CA SER B 33 -14.04 -59.16 -16.79
C SER B 33 -14.47 -58.96 -15.34
N VAL B 34 -14.73 -57.71 -14.95
CA VAL B 34 -15.07 -57.35 -13.58
C VAL B 34 -16.32 -56.49 -13.58
N LEU B 35 -16.69 -56.03 -12.39
CA LEU B 35 -17.70 -55.00 -12.22
C LEU B 35 -17.20 -54.01 -11.18
N HIS B 36 -16.99 -52.76 -11.59
CA HIS B 36 -16.38 -51.76 -10.74
C HIS B 36 -17.34 -50.60 -10.51
N SER B 37 -17.21 -49.96 -9.35
CA SER B 37 -18.13 -48.90 -8.93
C SER B 37 -17.34 -47.66 -8.57
N THR B 38 -17.58 -46.56 -9.30
CA THR B 38 -16.91 -45.29 -9.06
C THR B 38 -17.92 -44.25 -8.59
N GLN B 39 -17.38 -43.10 -8.18
CA GLN B 39 -18.19 -41.96 -7.73
C GLN B 39 -17.55 -40.71 -8.33
N ASP B 40 -18.04 -40.29 -9.49
CA ASP B 40 -17.50 -39.13 -10.21
C ASP B 40 -18.66 -38.33 -10.75
N LEU B 41 -18.34 -37.39 -11.63
CA LEU B 41 -19.34 -36.58 -12.33
C LEU B 41 -19.80 -37.32 -13.58
N PHE B 42 -21.10 -37.50 -13.73
CA PHE B 42 -21.65 -38.12 -14.91
C PHE B 42 -22.86 -37.34 -15.39
N LEU B 43 -23.32 -37.68 -16.58
CA LEU B 43 -24.61 -37.27 -17.11
C LEU B 43 -25.66 -38.28 -16.70
N PRO B 44 -26.75 -37.87 -16.06
CA PRO B 44 -27.74 -38.83 -15.58
C PRO B 44 -28.49 -39.52 -16.71
N PHE B 45 -28.83 -40.78 -16.50
CA PHE B 45 -29.59 -41.54 -17.47
C PHE B 45 -30.99 -40.98 -17.63
N PHE B 46 -31.43 -40.89 -18.89
CA PHE B 46 -32.75 -40.40 -19.30
C PHE B 46 -33.01 -38.99 -18.77
N SER B 47 -32.07 -38.11 -19.09
CA SER B 47 -32.13 -36.71 -18.69
C SER B 47 -32.48 -35.86 -19.90
N ASN B 48 -32.79 -34.59 -19.62
CA ASN B 48 -33.21 -33.64 -20.64
C ASN B 48 -32.04 -32.80 -21.09
N VAL B 49 -31.72 -32.86 -22.38
CA VAL B 49 -30.71 -32.01 -22.97
C VAL B 49 -31.40 -30.89 -23.72
N THR B 50 -30.63 -29.92 -24.19
CA THR B 50 -31.15 -28.71 -24.81
C THR B 50 -30.73 -28.65 -26.26
N TRP B 51 -31.66 -28.96 -27.17
CA TRP B 51 -31.39 -28.96 -28.60
C TRP B 51 -31.25 -27.52 -29.09
N PHE B 52 -30.03 -27.07 -29.32
CA PHE B 52 -29.81 -25.79 -29.98
C PHE B 52 -29.86 -25.99 -31.49
N HIS B 53 -29.76 -24.89 -32.23
CA HIS B 53 -29.94 -24.93 -33.67
C HIS B 53 -28.63 -24.89 -34.43
N ASN B 68 -26.00 -18.54 -31.24
CA ASN B 68 -24.99 -19.05 -30.34
C ASN B 68 -24.98 -18.27 -29.03
N PRO B 69 -25.88 -18.62 -28.11
CA PRO B 69 -25.93 -17.89 -26.85
C PRO B 69 -24.84 -18.33 -25.89
N VAL B 70 -24.44 -17.41 -25.02
CA VAL B 70 -23.57 -17.75 -23.91
C VAL B 70 -24.34 -18.65 -22.94
N LEU B 71 -23.67 -19.64 -22.40
CA LEU B 71 -24.29 -20.68 -21.59
C LEU B 71 -23.55 -20.84 -20.28
N PRO B 72 -24.20 -21.32 -19.23
CA PRO B 72 -23.50 -21.61 -17.98
C PRO B 72 -22.62 -22.84 -18.08
N PHE B 73 -21.56 -22.85 -17.27
CA PHE B 73 -20.61 -23.96 -17.15
C PHE B 73 -20.62 -24.33 -15.67
N ASN B 74 -21.59 -25.16 -15.27
CA ASN B 74 -21.79 -25.37 -13.83
C ASN B 74 -20.75 -26.29 -13.23
N ASP B 75 -20.73 -27.55 -13.65
CA ASP B 75 -19.82 -28.55 -13.10
C ASP B 75 -19.10 -29.34 -14.16
N GLY B 76 -19.41 -29.11 -15.42
CA GLY B 76 -18.93 -29.92 -16.53
C GLY B 76 -20.04 -29.96 -17.56
N VAL B 77 -19.65 -30.09 -18.82
CA VAL B 77 -20.56 -29.94 -19.93
C VAL B 77 -20.43 -31.14 -20.85
N TYR B 78 -21.49 -31.92 -20.97
CA TYR B 78 -21.58 -32.86 -22.08
C TYR B 78 -21.88 -32.10 -23.35
N PHE B 79 -21.27 -32.51 -24.45
CA PHE B 79 -21.45 -31.84 -25.73
C PHE B 79 -21.59 -32.90 -26.79
N ALA B 80 -22.44 -32.66 -27.78
CA ALA B 80 -22.68 -33.66 -28.82
C ALA B 80 -23.23 -32.95 -30.05
N SER B 81 -22.42 -32.84 -31.09
CA SER B 81 -22.78 -32.07 -32.28
C SER B 81 -22.81 -32.98 -33.49
N THR B 82 -24.00 -33.40 -33.91
CA THR B 82 -24.14 -34.23 -35.09
C THR B 82 -24.17 -33.36 -36.34
N GLU B 83 -23.53 -33.84 -37.40
CA GLU B 83 -23.43 -33.08 -38.64
C GLU B 83 -23.13 -34.01 -39.82
N ASN B 86 -18.49 -29.86 -41.71
CA ASN B 86 -17.47 -29.00 -41.14
C ASN B 86 -18.00 -27.61 -40.82
N ILE B 87 -18.78 -27.50 -39.74
CA ILE B 87 -19.37 -26.25 -39.29
C ILE B 87 -18.99 -25.94 -37.85
N ILE B 88 -19.12 -26.92 -36.97
CA ILE B 88 -18.80 -26.75 -35.55
C ILE B 88 -17.27 -26.69 -35.42
N ARG B 89 -16.73 -25.51 -35.12
CA ARG B 89 -15.28 -25.35 -35.09
C ARG B 89 -14.70 -25.53 -33.70
N GLY B 90 -15.08 -24.67 -32.76
CA GLY B 90 -14.41 -24.66 -31.48
C GLY B 90 -15.26 -24.13 -30.37
N TRP B 91 -14.59 -23.66 -29.31
CA TRP B 91 -15.26 -23.23 -28.09
C TRP B 91 -14.47 -22.09 -27.49
N ILE B 92 -15.15 -21.22 -26.75
CA ILE B 92 -14.48 -20.25 -25.90
C ILE B 92 -14.95 -20.48 -24.46
N PHE B 93 -14.01 -20.48 -23.53
CA PHE B 93 -14.26 -20.81 -22.13
C PHE B 93 -13.72 -19.65 -21.31
N GLY B 94 -14.51 -19.13 -20.37
CA GLY B 94 -14.02 -18.00 -19.60
C GLY B 94 -15.00 -17.56 -18.53
N THR B 95 -14.72 -16.37 -17.99
CA THR B 95 -15.47 -15.77 -16.91
C THR B 95 -16.14 -14.46 -17.30
N THR B 96 -15.39 -13.50 -17.81
CA THR B 96 -15.94 -12.22 -18.24
C THR B 96 -16.19 -12.15 -19.74
N LEU B 97 -15.35 -12.82 -20.53
CA LEU B 97 -15.43 -12.92 -21.99
C LEU B 97 -15.34 -11.56 -22.67
N GLN B 102 -7.35 -17.15 -17.53
CA GLN B 102 -8.50 -16.37 -17.99
C GLN B 102 -8.67 -16.56 -19.50
N SER B 103 -9.91 -16.81 -19.93
CA SER B 103 -10.34 -16.82 -21.33
C SER B 103 -9.60 -17.91 -22.15
N LEU B 104 -9.91 -19.16 -21.81
CA LEU B 104 -9.43 -20.30 -22.58
C LEU B 104 -10.08 -20.34 -23.97
N LEU B 105 -9.36 -20.88 -24.94
CA LEU B 105 -9.77 -20.82 -26.34
C LEU B 105 -9.33 -22.07 -27.07
N ILE B 106 -10.27 -22.76 -27.72
CA ILE B 106 -9.97 -23.94 -28.51
C ILE B 106 -10.44 -23.68 -29.94
N VAL B 107 -9.52 -23.71 -30.90
CA VAL B 107 -9.81 -23.39 -32.29
C VAL B 107 -9.43 -24.58 -33.15
N ASN B 108 -10.35 -25.04 -33.98
CA ASN B 108 -10.07 -26.10 -34.92
C ASN B 108 -10.33 -25.58 -36.34
N ASN B 112 -5.52 -28.97 -36.55
CA ASN B 112 -4.52 -28.30 -35.74
C ASN B 112 -5.18 -27.51 -34.62
N VAL B 113 -5.40 -28.18 -33.49
CA VAL B 113 -6.10 -27.59 -32.36
C VAL B 113 -5.20 -26.53 -31.72
N VAL B 114 -5.56 -25.28 -31.87
CA VAL B 114 -4.81 -24.19 -31.27
C VAL B 114 -5.45 -23.86 -29.93
N ILE B 115 -4.67 -23.94 -28.85
CA ILE B 115 -5.18 -23.66 -27.52
C ILE B 115 -4.34 -22.54 -26.92
N LYS B 116 -4.99 -21.46 -26.51
CA LYS B 116 -4.32 -20.28 -25.99
C LYS B 116 -5.09 -19.81 -24.77
N VAL B 117 -4.38 -19.48 -23.68
CA VAL B 117 -5.04 -19.09 -22.44
C VAL B 117 -4.63 -17.64 -22.18
N CYS B 118 -4.51 -16.86 -23.27
CA CYS B 118 -4.24 -15.44 -23.14
C CYS B 118 -5.50 -14.72 -22.65
N GLU B 119 -5.37 -13.43 -22.36
CA GLU B 119 -6.49 -12.63 -21.86
C GLU B 119 -7.07 -11.83 -23.03
N PHE B 120 -8.25 -12.22 -23.49
CA PHE B 120 -8.75 -11.84 -24.80
C PHE B 120 -9.86 -10.81 -24.72
N GLN B 121 -10.11 -10.19 -25.88
CA GLN B 121 -11.24 -9.31 -26.12
C GLN B 121 -12.07 -9.94 -27.23
N PHE B 122 -13.28 -10.37 -26.90
CA PHE B 122 -14.16 -11.00 -27.87
C PHE B 122 -15.21 -10.02 -28.37
N CYS B 123 -15.80 -10.35 -29.51
CA CYS B 123 -16.84 -9.52 -30.10
C CYS B 123 -18.20 -9.91 -29.51
N ASN B 124 -19.28 -9.40 -30.09
CA ASN B 124 -20.61 -9.82 -29.65
C ASN B 124 -20.92 -11.22 -30.14
N ASP B 125 -20.78 -11.46 -31.44
CA ASP B 125 -21.03 -12.77 -32.04
C ASP B 125 -19.76 -13.24 -32.72
N PRO B 126 -18.88 -13.95 -32.00
CA PRO B 126 -17.66 -14.46 -32.63
C PRO B 126 -17.97 -15.59 -33.59
N PHE B 127 -17.34 -15.57 -34.76
CA PHE B 127 -17.48 -16.63 -35.72
C PHE B 127 -16.26 -16.66 -36.63
N LEU B 128 -16.20 -17.67 -37.47
CA LEU B 128 -15.17 -17.73 -38.50
C LEU B 128 -15.76 -17.32 -39.84
N PHE B 144 -12.02 -14.74 -39.99
CA PHE B 144 -11.66 -15.01 -38.60
C PHE B 144 -11.97 -13.79 -37.74
N ARG B 145 -13.24 -13.59 -37.44
CA ARG B 145 -13.71 -12.43 -36.69
C ARG B 145 -13.95 -12.79 -35.23
N VAL B 146 -12.92 -13.32 -34.59
CA VAL B 146 -12.99 -13.73 -33.19
C VAL B 146 -12.46 -12.66 -32.26
N TYR B 147 -11.32 -12.08 -32.60
CA TYR B 147 -10.72 -11.03 -31.80
C TYR B 147 -9.88 -10.09 -32.66
N ALA B 150 -4.67 -10.60 -25.20
CA ALA B 150 -3.35 -10.52 -25.80
C ALA B 150 -2.29 -10.25 -24.73
N ASN B 151 -2.70 -9.55 -23.67
CA ASN B 151 -1.79 -9.20 -22.59
C ASN B 151 -1.48 -10.43 -21.75
N ASN B 152 -0.19 -10.71 -21.58
CA ASN B 152 0.34 -11.77 -20.72
C ASN B 152 -0.17 -13.15 -21.13
N CYS B 153 0.23 -13.56 -22.34
CA CYS B 153 -0.02 -14.92 -22.78
C CYS B 153 0.75 -15.92 -21.94
N THR B 154 0.04 -16.91 -21.41
CA THR B 154 0.55 -17.78 -20.36
C THR B 154 0.75 -19.21 -20.80
N PHE B 155 -0.20 -19.78 -21.55
CA PHE B 155 -0.11 -21.16 -22.00
C PHE B 155 -0.48 -21.22 -23.46
N GLU B 156 0.21 -22.07 -24.22
CA GLU B 156 -0.06 -22.26 -25.63
C GLU B 156 0.17 -23.72 -25.97
N TYR B 157 -0.55 -24.21 -26.97
CA TYR B 157 -0.52 -25.63 -27.30
C TYR B 157 -0.98 -25.78 -28.75
N VAL B 158 -0.43 -26.77 -29.43
CA VAL B 158 -0.81 -27.05 -30.82
C VAL B 158 -0.54 -28.53 -31.10
N SER B 159 -1.50 -29.19 -31.74
CA SER B 159 -1.37 -30.61 -32.08
C SER B 159 -2.29 -31.00 -33.23
N ASN B 175 -19.61 -38.42 -38.05
CA ASN B 175 -20.86 -37.71 -37.90
C ASN B 175 -21.06 -37.23 -36.47
N LEU B 176 -21.64 -38.09 -35.64
CA LEU B 176 -21.89 -37.78 -34.24
C LEU B 176 -20.57 -37.71 -33.49
N ARG B 177 -20.24 -36.54 -32.95
CA ARG B 177 -18.96 -36.30 -32.31
C ARG B 177 -19.21 -35.81 -30.88
N GLU B 178 -19.03 -36.69 -29.90
CA GLU B 178 -19.32 -36.36 -28.52
C GLU B 178 -18.09 -35.84 -27.80
N PHE B 179 -18.30 -34.98 -26.81
CA PHE B 179 -17.21 -34.43 -26.01
C PHE B 179 -17.69 -34.23 -24.59
N VAL B 180 -16.79 -34.39 -23.62
CA VAL B 180 -17.08 -34.15 -22.21
C VAL B 180 -15.98 -33.27 -21.65
N PHE B 181 -16.36 -32.16 -21.04
CA PHE B 181 -15.43 -31.17 -20.50
C PHE B 181 -15.54 -31.17 -18.99
N LYS B 182 -14.39 -31.04 -18.31
CA LYS B 182 -14.39 -30.86 -16.87
C LYS B 182 -13.37 -29.80 -16.50
N ASN B 183 -13.43 -29.34 -15.24
CA ASN B 183 -12.43 -28.41 -14.74
C ASN B 183 -12.32 -28.65 -13.22
N ILE B 184 -11.35 -29.46 -12.83
CA ILE B 184 -11.09 -29.77 -11.43
C ILE B 184 -9.60 -29.70 -11.14
N ASP B 185 -9.28 -29.23 -9.92
CA ASP B 185 -8.00 -29.45 -9.24
C ASP B 185 -6.80 -28.84 -9.96
N GLY B 186 -7.02 -27.88 -10.86
CA GLY B 186 -5.94 -27.33 -11.65
C GLY B 186 -5.74 -28.01 -12.99
N TYR B 187 -6.48 -29.08 -13.27
CA TYR B 187 -6.48 -29.71 -14.57
C TYR B 187 -7.68 -29.26 -15.40
N PHE B 188 -7.55 -29.39 -16.71
CA PHE B 188 -8.65 -29.21 -17.64
C PHE B 188 -8.72 -30.45 -18.52
N LYS B 189 -9.80 -31.21 -18.40
CA LYS B 189 -9.89 -32.55 -18.98
C LYS B 189 -10.88 -32.58 -20.12
N ILE B 190 -10.45 -33.09 -21.27
CA ILE B 190 -11.27 -33.12 -22.48
C ILE B 190 -11.34 -34.57 -22.97
N TYR B 191 -12.55 -35.09 -23.13
CA TYR B 191 -12.77 -36.46 -23.56
C TYR B 191 -13.43 -36.44 -24.93
N SER B 192 -13.25 -37.52 -25.70
CA SER B 192 -13.72 -37.49 -27.07
C SER B 192 -14.15 -38.87 -27.52
N LYS B 193 -15.01 -38.89 -28.54
CA LYS B 193 -15.47 -40.09 -29.25
C LYS B 193 -16.26 -39.64 -30.46
N HIS B 194 -16.08 -40.32 -31.58
CA HIS B 194 -16.98 -40.08 -32.70
C HIS B 194 -17.28 -41.36 -33.46
N THR B 195 -18.56 -41.57 -33.76
CA THR B 195 -19.10 -42.73 -34.43
C THR B 195 -19.83 -42.31 -35.71
N PRO B 196 -19.87 -43.16 -36.72
CA PRO B 196 -20.64 -42.83 -37.92
C PRO B 196 -22.10 -43.24 -37.80
N ILE B 197 -22.96 -42.42 -38.40
CA ILE B 197 -24.40 -42.64 -38.35
C ILE B 197 -25.08 -42.03 -39.56
N ASP B 202 -33.03 -37.76 -33.31
CA ASP B 202 -32.23 -37.13 -32.26
C ASP B 202 -30.94 -37.90 -32.02
N LEU B 203 -30.48 -37.90 -30.78
CA LEU B 203 -29.32 -38.70 -30.41
C LEU B 203 -29.67 -40.18 -30.46
N PRO B 204 -28.76 -41.03 -30.91
CA PRO B 204 -29.08 -42.46 -31.03
C PRO B 204 -29.14 -43.15 -29.67
N GLN B 205 -29.54 -44.42 -29.71
CA GLN B 205 -29.91 -45.17 -28.53
C GLN B 205 -28.81 -46.08 -28.03
N GLY B 206 -27.68 -46.14 -28.71
CA GLY B 206 -26.61 -47.05 -28.36
C GLY B 206 -25.87 -46.63 -27.10
N PHE B 207 -24.73 -47.30 -26.89
CA PHE B 207 -23.92 -47.10 -25.69
C PHE B 207 -22.48 -46.94 -26.09
N SER B 208 -21.86 -45.84 -25.67
CA SER B 208 -20.52 -45.47 -26.12
C SER B 208 -19.62 -45.20 -24.92
N ALA B 209 -18.34 -45.47 -25.10
CA ALA B 209 -17.30 -45.06 -24.18
C ALA B 209 -16.47 -43.95 -24.83
N LEU B 210 -15.79 -43.17 -24.00
CA LEU B 210 -15.02 -42.03 -24.47
C LEU B 210 -13.60 -42.12 -23.95
N GLU B 211 -12.64 -42.33 -24.84
CA GLU B 211 -11.24 -42.32 -24.40
C GLU B 211 -10.78 -40.88 -24.19
N PRO B 212 -9.95 -40.62 -23.19
CA PRO B 212 -9.46 -39.25 -22.96
C PRO B 212 -8.51 -38.79 -24.05
N LEU B 213 -8.71 -37.55 -24.49
CA LEU B 213 -7.97 -36.97 -25.59
C LEU B 213 -6.76 -36.17 -25.14
N VAL B 214 -6.95 -35.26 -24.18
CA VAL B 214 -5.88 -34.37 -23.75
C VAL B 214 -6.11 -34.05 -22.28
N ASP B 215 -5.09 -33.52 -21.63
CA ASP B 215 -5.15 -33.13 -20.23
C ASP B 215 -4.34 -31.84 -20.10
N LEU B 216 -5.01 -30.73 -19.84
CA LEU B 216 -4.36 -29.43 -19.90
C LEU B 216 -4.15 -28.89 -18.50
N PRO B 217 -2.90 -28.69 -18.08
CA PRO B 217 -2.59 -28.07 -16.76
C PRO B 217 -2.53 -26.55 -16.74
N ILE B 218 -3.67 -25.87 -16.60
CA ILE B 218 -3.72 -24.42 -16.52
C ILE B 218 -4.31 -23.93 -15.20
N GLY B 219 -5.43 -24.52 -14.76
CA GLY B 219 -6.04 -24.12 -13.51
C GLY B 219 -6.60 -22.71 -13.45
N ILE B 220 -7.69 -22.44 -14.18
CA ILE B 220 -8.27 -21.11 -14.23
C ILE B 220 -9.71 -21.13 -13.74
N ASN B 221 -10.38 -20.00 -13.81
CA ASN B 221 -11.73 -19.79 -13.30
C ASN B 221 -12.68 -19.66 -14.48
N ILE B 222 -13.56 -20.65 -14.65
CA ILE B 222 -14.48 -20.70 -15.78
C ILE B 222 -15.91 -20.83 -15.26
N THR B 223 -16.80 -19.94 -15.70
CA THR B 223 -18.20 -19.98 -15.31
C THR B 223 -19.15 -20.01 -16.50
N ARG B 224 -18.78 -19.36 -17.60
CA ARG B 224 -19.59 -19.32 -18.80
C ARG B 224 -18.82 -19.90 -19.97
N PHE B 225 -19.53 -20.32 -21.00
CA PHE B 225 -18.86 -20.75 -22.22
C PHE B 225 -19.74 -20.42 -23.41
N GLN B 226 -19.17 -20.59 -24.60
CA GLN B 226 -19.89 -20.28 -25.84
C GLN B 226 -19.24 -21.02 -26.99
N THR B 227 -20.04 -21.69 -27.80
CA THR B 227 -19.50 -22.35 -28.97
C THR B 227 -19.16 -21.35 -30.07
N LEU B 228 -18.46 -21.83 -31.08
CA LEU B 228 -18.12 -21.05 -32.25
C LEU B 228 -18.73 -21.72 -33.47
N LEU B 229 -18.73 -21.00 -34.60
CA LEU B 229 -19.25 -21.54 -35.85
C LEU B 229 -18.42 -21.03 -37.01
N ALA B 230 -18.82 -21.44 -38.20
CA ALA B 230 -18.30 -20.91 -39.47
C ALA B 230 -19.52 -20.56 -40.31
N LEU B 231 -20.02 -19.33 -40.14
CA LEU B 231 -21.25 -18.90 -40.79
C LEU B 231 -21.08 -18.69 -42.28
N TYR B 252 -26.86 -28.97 -32.47
CA TYR B 252 -26.15 -29.73 -31.44
C TYR B 252 -26.96 -29.91 -30.17
N TYR B 253 -26.29 -30.28 -29.08
CA TYR B 253 -26.92 -30.67 -27.83
C TYR B 253 -26.00 -30.28 -26.68
N VAL B 254 -26.56 -29.94 -25.53
CA VAL B 254 -25.77 -29.57 -24.36
C VAL B 254 -26.42 -30.19 -23.13
N GLY B 255 -25.65 -30.98 -22.38
CA GLY B 255 -26.05 -31.47 -21.08
C GLY B 255 -25.29 -30.80 -19.97
N TYR B 256 -25.45 -31.35 -18.76
CA TYR B 256 -24.72 -30.89 -17.60
C TYR B 256 -24.39 -32.08 -16.71
N LEU B 257 -23.20 -32.07 -16.12
CA LEU B 257 -22.70 -33.21 -15.38
C LEU B 257 -23.09 -33.12 -13.92
N GLN B 258 -23.59 -34.22 -13.37
CA GLN B 258 -24.02 -34.34 -11.99
C GLN B 258 -23.13 -35.31 -11.23
N PRO B 259 -22.93 -35.09 -9.93
CA PRO B 259 -22.33 -36.13 -9.08
C PRO B 259 -23.29 -37.30 -8.92
N ARG B 260 -22.85 -38.49 -9.34
CA ARG B 260 -23.64 -39.71 -9.21
C ARG B 260 -22.70 -40.84 -8.78
N THR B 261 -23.20 -42.07 -8.88
CA THR B 261 -22.45 -43.26 -8.51
C THR B 261 -22.89 -44.39 -9.42
N PHE B 262 -22.07 -44.74 -10.40
CA PHE B 262 -22.44 -45.79 -11.34
C PHE B 262 -21.86 -47.14 -10.93
N LEU B 263 -22.04 -48.14 -11.80
CA LEU B 263 -21.46 -49.47 -11.63
C LEU B 263 -21.14 -49.98 -13.02
N LEU B 264 -19.89 -49.81 -13.44
CA LEU B 264 -19.51 -50.03 -14.82
C LEU B 264 -19.26 -51.51 -15.09
N LYS B 265 -19.09 -51.85 -16.35
CA LYS B 265 -18.86 -53.23 -16.75
C LYS B 265 -17.82 -53.29 -17.86
N TYR B 266 -16.70 -53.94 -17.60
CA TYR B 266 -15.69 -54.19 -18.61
C TYR B 266 -15.95 -55.53 -19.27
N ASN B 267 -14.99 -56.04 -20.04
CA ASN B 267 -15.15 -57.35 -20.66
C ASN B 267 -13.77 -58.00 -20.77
N GLU B 268 -13.65 -58.99 -21.66
CA GLU B 268 -12.39 -59.69 -21.86
C GLU B 268 -11.33 -58.77 -22.46
N ASN B 269 -11.75 -57.80 -23.27
CA ASN B 269 -10.81 -56.91 -23.92
C ASN B 269 -10.53 -55.65 -23.11
N GLY B 270 -11.33 -55.37 -22.09
CA GLY B 270 -11.13 -54.19 -21.27
C GLY B 270 -11.78 -52.95 -21.85
N THR B 271 -13.08 -53.04 -22.13
CA THR B 271 -13.84 -51.96 -22.74
C THR B 271 -15.22 -51.91 -22.12
N ILE B 272 -15.65 -50.70 -21.73
CA ILE B 272 -16.95 -50.54 -21.08
C ILE B 272 -18.05 -50.76 -22.11
N THR B 273 -18.92 -51.73 -21.82
CA THR B 273 -20.02 -52.09 -22.69
C THR B 273 -21.38 -52.06 -22.01
N ASP B 274 -21.44 -51.73 -20.72
CA ASP B 274 -22.68 -51.80 -19.97
C ASP B 274 -22.52 -50.97 -18.70
N ALA B 275 -23.64 -50.48 -18.18
CA ALA B 275 -23.63 -49.74 -16.92
C ALA B 275 -24.95 -49.91 -16.18
N GLN C 2 10.92 17.48 -6.31
CA GLN C 2 9.63 18.12 -6.48
C GLN C 2 9.71 19.64 -6.40
N LEU C 3 8.60 20.28 -6.80
CA LEU C 3 8.45 21.72 -6.68
C LEU C 3 6.96 22.01 -6.76
N LEU C 4 6.44 22.71 -5.76
CA LEU C 4 5.02 23.03 -5.68
C LEU C 4 4.86 24.55 -5.61
N GLU C 5 3.85 25.05 -6.31
CA GLU C 5 3.64 26.49 -6.47
C GLU C 5 2.28 26.90 -5.93
N GLN C 6 2.23 28.11 -5.37
CA GLN C 6 1.02 28.66 -4.77
C GLN C 6 0.47 29.79 -5.62
N SER C 7 -0.80 30.11 -5.38
CA SER C 7 -1.51 31.05 -6.25
C SER C 7 -1.10 32.50 -5.98
N GLY C 8 -1.18 32.92 -4.73
CA GLY C 8 -0.86 34.29 -4.37
C GLY C 8 -1.87 34.84 -3.39
N ALA C 9 -1.46 35.92 -2.71
CA ALA C 9 -2.28 36.48 -1.63
C ALA C 9 -3.48 37.21 -2.20
N GLU C 10 -4.57 37.18 -1.45
CA GLU C 10 -5.84 37.73 -1.92
C GLU C 10 -6.75 38.00 -0.74
N VAL C 11 -7.57 39.05 -0.88
CA VAL C 11 -8.40 39.56 0.19
C VAL C 11 -9.85 39.53 -0.27
N LYS C 12 -10.74 39.06 0.59
CA LYS C 12 -12.14 38.83 0.23
C LYS C 12 -13.08 39.56 1.18
N LYS C 13 -14.38 39.29 1.07
CA LYS C 13 -15.44 39.89 1.88
C LYS C 13 -16.17 38.80 2.65
N PRO C 14 -16.69 39.13 3.86
CA PRO C 14 -17.40 38.11 4.66
C PRO C 14 -18.67 37.60 4.01
N GLY C 15 -18.67 36.33 3.62
CA GLY C 15 -19.77 35.73 2.90
C GLY C 15 -19.43 35.32 1.48
N ALA C 16 -18.29 35.74 0.96
CA ALA C 16 -17.89 35.44 -0.40
C ALA C 16 -17.16 34.09 -0.45
N SER C 17 -16.62 33.75 -1.62
CA SER C 17 -15.90 32.51 -1.83
C SER C 17 -14.47 32.81 -2.24
N VAL C 18 -13.64 31.76 -2.22
CA VAL C 18 -12.20 31.89 -2.45
C VAL C 18 -11.70 30.53 -2.91
N LYS C 19 -10.75 30.55 -3.86
CA LYS C 19 -10.29 29.33 -4.49
C LYS C 19 -8.77 29.37 -4.61
N VAL C 20 -8.10 28.37 -4.04
CA VAL C 20 -6.65 28.33 -3.94
C VAL C 20 -6.14 27.15 -4.77
N SER C 21 -5.04 27.36 -5.49
CA SER C 21 -4.47 26.33 -6.34
C SER C 21 -3.10 25.89 -5.84
N CYS C 22 -2.70 24.68 -6.26
CA CYS C 22 -1.41 24.11 -5.89
C CYS C 22 -0.90 23.27 -7.05
N LYS C 23 -0.01 23.85 -7.84
CA LYS C 23 0.57 23.16 -8.99
C LYS C 23 1.63 22.17 -8.51
N ALA C 24 1.79 21.07 -9.27
CA ALA C 24 2.79 20.05 -8.92
C ALA C 24 3.55 19.65 -10.18
N SER C 25 4.76 20.18 -10.34
CA SER C 25 5.58 19.90 -11.52
C SER C 25 6.61 18.81 -11.23
N GLY C 26 6.13 17.62 -10.87
CA GLY C 26 7.03 16.54 -10.52
C GLY C 26 6.56 15.14 -10.83
N ASP C 27 5.62 15.00 -11.77
CA ASP C 27 4.97 13.75 -12.16
C ASP C 27 4.32 13.06 -10.95
N GLY C 31 1.09 8.19 -7.48
CA GLY C 31 0.94 7.50 -6.22
C GLY C 31 1.33 8.34 -5.02
N TYR C 32 0.56 9.40 -4.77
CA TYR C 32 0.78 10.29 -3.63
C TYR C 32 -0.48 11.12 -3.43
N TYR C 33 -0.76 11.49 -2.19
CA TYR C 33 -1.90 12.35 -1.90
C TYR C 33 -1.50 13.82 -1.96
N MET C 34 -2.50 14.68 -1.73
CA MET C 34 -2.32 16.12 -1.54
C MET C 34 -3.06 16.52 -0.28
N HIS C 35 -2.35 17.06 0.71
CA HIS C 35 -2.99 17.51 1.93
C HIS C 35 -3.07 19.03 1.95
N TRP C 36 -4.03 19.54 2.71
CA TRP C 36 -4.22 20.97 2.89
C TRP C 36 -4.26 21.27 4.37
N VAL C 37 -3.33 22.11 4.84
CA VAL C 37 -3.12 22.39 6.26
C VAL C 37 -3.08 23.90 6.42
N ARG C 38 -3.83 24.42 7.39
CA ARG C 38 -3.98 25.86 7.54
C ARG C 38 -3.46 26.32 8.89
N GLN C 39 -2.96 27.56 8.93
CA GLN C 39 -2.32 28.09 10.13
C GLN C 39 -2.81 29.51 10.38
N ALA C 40 -3.68 29.67 11.37
CA ALA C 40 -4.10 30.98 11.80
C ALA C 40 -2.92 31.70 12.46
N PRO C 41 -2.86 33.04 12.41
CA PRO C 41 -1.67 33.76 12.88
C PRO C 41 -1.47 33.64 14.39
N GLY C 42 -0.25 33.27 14.78
CA GLY C 42 0.04 33.02 16.18
C GLY C 42 -0.61 31.78 16.75
N GLN C 43 -0.87 30.78 15.92
CA GLN C 43 -1.57 29.57 16.32
C GLN C 43 -0.80 28.37 15.79
N GLY C 44 -1.21 27.18 16.23
CA GLY C 44 -0.64 25.95 15.73
C GLY C 44 -1.22 25.56 14.40
N LEU C 45 -0.75 24.43 13.88
CA LEU C 45 -1.23 23.94 12.59
C LEU C 45 -2.54 23.20 12.76
N GLU C 46 -3.22 22.98 11.64
CA GLU C 46 -4.57 22.45 11.65
C GLU C 46 -4.89 21.82 10.31
N TRP C 47 -5.42 20.61 10.33
CA TRP C 47 -5.64 19.82 9.12
C TRP C 47 -7.02 20.08 8.53
N MET C 48 -7.09 20.14 7.19
CA MET C 48 -8.35 20.39 6.49
C MET C 48 -8.84 19.16 5.74
N GLY C 49 -8.05 18.60 4.83
CA GLY C 49 -8.43 17.36 4.20
C GLY C 49 -7.39 16.89 3.20
N TRP C 50 -7.63 15.72 2.62
CA TRP C 50 -6.80 15.19 1.55
C TRP C 50 -7.64 14.85 0.34
N ILE C 51 -7.00 14.92 -0.83
CA ILE C 51 -7.61 14.55 -2.10
C ILE C 51 -6.64 13.69 -2.89
N ASN C 52 -7.10 12.54 -3.34
CA ASN C 52 -6.35 11.73 -4.29
C ASN C 52 -6.35 12.43 -5.65
N PRO C 53 -5.18 12.67 -6.26
CA PRO C 53 -5.17 13.44 -7.51
C PRO C 53 -5.71 12.68 -8.71
N ASN C 54 -5.57 11.36 -8.75
CA ASN C 54 -5.99 10.64 -9.94
C ASN C 54 -7.49 10.33 -9.90
N SER C 55 -7.93 9.57 -8.91
CA SER C 55 -9.33 9.17 -8.88
C SER C 55 -10.24 10.25 -8.29
N GLY C 56 -9.69 11.31 -7.71
CA GLY C 56 -10.50 12.38 -7.18
C GLY C 56 -11.28 12.04 -5.94
N VAL C 57 -10.87 11.01 -5.20
CA VAL C 57 -11.54 10.66 -3.96
C VAL C 57 -11.01 11.54 -2.86
N THR C 58 -11.91 12.11 -2.05
CA THR C 58 -11.55 13.08 -1.03
C THR C 58 -11.97 12.60 0.35
N ASN C 59 -11.29 13.13 1.36
CA ASN C 59 -11.67 13.00 2.75
C ASN C 59 -11.47 14.35 3.41
N TYR C 60 -12.43 14.77 4.23
CA TYR C 60 -12.39 16.06 4.89
C TYR C 60 -12.34 15.86 6.39
N ALA C 61 -11.98 16.92 7.10
CA ALA C 61 -11.94 16.85 8.55
C ALA C 61 -13.35 16.87 9.12
N GLN C 62 -13.45 16.63 10.42
CA GLN C 62 -14.74 16.72 11.08
C GLN C 62 -15.20 18.17 11.20
N LYS C 63 -14.25 19.08 11.40
CA LYS C 63 -14.54 20.49 11.63
C LYS C 63 -14.97 21.20 10.35
N PHE C 64 -14.54 20.71 9.19
CA PHE C 64 -14.75 21.40 7.92
C PHE C 64 -15.77 20.71 7.02
N GLN C 65 -16.67 19.90 7.59
CA GLN C 65 -17.70 19.26 6.78
C GLN C 65 -18.77 20.27 6.42
N GLY C 66 -18.81 20.65 5.14
CA GLY C 66 -19.81 21.56 4.62
C GLY C 66 -19.26 22.87 4.09
N TRP C 67 -18.02 23.23 4.43
CA TRP C 67 -17.45 24.51 4.04
C TRP C 67 -16.32 24.41 3.02
N VAL C 68 -15.71 23.25 2.84
CA VAL C 68 -14.55 23.13 1.97
C VAL C 68 -14.85 22.08 0.90
N THR C 69 -14.37 22.33 -0.32
CA THR C 69 -14.63 21.44 -1.45
C THR C 69 -13.42 21.48 -2.37
N MET C 70 -12.69 20.37 -2.43
CA MET C 70 -11.44 20.31 -3.16
C MET C 70 -11.65 19.58 -4.49
N THR C 71 -11.20 20.19 -5.57
CA THR C 71 -11.33 19.65 -6.91
C THR C 71 -9.94 19.42 -7.49
N ARG C 72 -9.90 18.93 -8.73
CA ARG C 72 -8.64 18.67 -9.40
C ARG C 72 -8.86 18.74 -10.91
N ASP C 73 -7.76 18.56 -11.64
CA ASP C 73 -7.81 18.22 -13.06
C ASP C 73 -6.57 17.39 -13.35
N THR C 74 -6.16 17.34 -14.62
CA THR C 74 -4.91 16.68 -14.99
C THR C 74 -4.28 17.35 -16.21
N SER C 77 -0.12 18.09 -13.21
CA SER C 77 -1.30 18.14 -12.36
C SER C 77 -1.53 19.55 -11.82
N THR C 78 -2.72 19.79 -11.30
CA THR C 78 -3.05 21.03 -10.60
C THR C 78 -4.26 20.73 -9.73
N VAL C 79 -4.18 21.08 -8.45
CA VAL C 79 -5.23 20.75 -7.50
C VAL C 79 -5.77 22.04 -6.89
N TYR C 80 -7.08 22.11 -6.72
CA TYR C 80 -7.78 23.30 -6.31
C TYR C 80 -8.49 23.06 -5.00
N MET C 81 -8.48 24.06 -4.13
CA MET C 81 -9.22 24.03 -2.88
C MET C 81 -10.09 25.26 -2.84
N GLU C 82 -11.39 25.08 -2.59
CA GLU C 82 -12.32 26.19 -2.57
C GLU C 82 -13.09 26.20 -1.27
N LEU C 83 -13.19 27.39 -0.68
CA LEU C 83 -13.80 27.59 0.63
C LEU C 83 -14.87 28.64 0.49
N ASN C 84 -16.04 28.40 1.06
CA ASN C 84 -17.16 29.32 0.99
C ASN C 84 -17.73 29.58 2.37
N ARG C 85 -18.59 30.60 2.46
CA ARG C 85 -19.13 31.16 3.70
C ARG C 85 -18.00 31.60 4.64
N LEU C 86 -17.23 32.58 4.17
CA LEU C 86 -16.10 33.08 4.94
C LEU C 86 -16.57 33.84 6.17
N ARG C 87 -15.77 33.80 7.23
CA ARG C 87 -16.05 34.55 8.44
C ARG C 87 -14.80 35.24 8.93
N SER C 88 -14.85 35.80 10.14
CA SER C 88 -13.70 36.47 10.71
C SER C 88 -12.64 35.50 11.22
N ASP C 89 -12.96 34.21 11.30
CA ASP C 89 -12.04 33.19 11.78
C ASP C 89 -11.39 32.39 10.66
N ASP C 90 -11.46 32.87 9.42
CA ASP C 90 -10.83 32.21 8.29
C ASP C 90 -9.71 33.04 7.70
N THR C 91 -9.00 33.78 8.54
CA THR C 91 -7.81 34.52 8.15
C THR C 91 -6.61 33.67 8.55
N ALA C 92 -5.87 33.17 7.57
CA ALA C 92 -4.79 32.23 7.84
C ALA C 92 -3.84 32.22 6.65
N VAL C 93 -2.90 31.27 6.68
CA VAL C 93 -2.02 30.95 5.56
C VAL C 93 -2.25 29.49 5.22
N TYR C 94 -2.38 29.18 3.92
CA TYR C 94 -2.81 27.87 3.48
C TYR C 94 -1.67 27.16 2.76
N TYR C 95 -1.34 25.94 3.20
CA TYR C 95 -0.23 25.17 2.66
C TYR C 95 -0.74 23.90 2.02
N CYS C 96 -0.12 23.49 0.92
CA CYS C 96 -0.38 22.18 0.32
C CYS C 96 0.85 21.30 0.50
N ALA C 97 0.61 20.03 0.85
CA ALA C 97 1.66 19.12 1.27
C ALA C 97 1.52 17.79 0.56
N ARG C 98 2.63 17.30 0.00
CA ARG C 98 2.72 16.03 -0.70
C ARG C 98 2.93 14.90 0.29
N GLU C 99 2.32 13.74 0.02
CA GLU C 99 2.45 12.58 0.89
C GLU C 99 2.65 11.33 0.06
N GLU C 100 3.83 10.70 0.13
CA GLU C 100 4.05 9.44 -0.55
C GLU C 100 3.21 8.35 0.11
N THR C 101 2.66 7.44 -0.71
CA THR C 101 1.70 6.47 -0.21
C THR C 101 2.11 5.05 -0.56
N ILE C 102 1.54 4.12 0.17
CA ILE C 102 1.61 2.69 -0.09
C ILE C 102 0.19 2.24 -0.35
N VAL C 103 -0.03 1.52 -1.44
CA VAL C 103 -1.39 1.18 -1.87
C VAL C 103 -1.89 0.06 -0.95
N GLY C 104 -2.68 0.43 0.04
CA GLY C 104 -3.33 -0.56 0.87
C GLY C 104 -3.19 -0.35 2.36
N ALA C 105 -2.11 0.27 2.79
CA ALA C 105 -1.82 0.43 4.21
C ALA C 105 -1.55 1.89 4.53
N THR C 106 -1.41 2.17 5.83
CA THR C 106 -1.19 3.53 6.27
C THR C 106 0.23 3.99 5.95
N PRO C 107 0.40 5.21 5.46
CA PRO C 107 1.70 5.62 4.91
C PRO C 107 2.67 6.10 5.99
N PRO C 108 3.85 5.50 6.08
CA PRO C 108 4.80 5.86 7.13
C PRO C 108 5.88 6.87 6.74
N TYR C 109 5.54 8.00 6.13
CA TYR C 109 6.58 8.86 5.58
C TYR C 109 6.46 10.33 5.95
N GLY C 110 5.28 10.81 6.34
CA GLY C 110 5.11 12.22 6.62
C GLY C 110 4.99 13.06 5.36
N LEU C 111 4.76 14.35 5.59
CA LEU C 111 4.44 15.32 4.54
C LEU C 111 5.72 16.03 4.17
N ASP C 112 6.48 15.46 3.24
CA ASP C 112 7.86 15.90 3.07
C ASP C 112 8.02 17.16 2.22
N VAL C 113 7.15 17.38 1.25
CA VAL C 113 7.26 18.52 0.35
C VAL C 113 6.10 19.46 0.60
N TRP C 114 6.40 20.70 0.96
CA TRP C 114 5.41 21.71 1.29
C TRP C 114 5.48 22.83 0.26
N GLY C 115 4.32 23.42 -0.05
CA GLY C 115 4.31 24.66 -0.80
C GLY C 115 4.59 25.83 0.11
N GLN C 116 4.74 27.02 -0.49
CA GLN C 116 5.23 28.14 0.31
C GLN C 116 4.13 28.88 1.06
N GLY C 117 2.88 28.82 0.62
CA GLY C 117 1.81 29.43 1.39
C GLY C 117 1.01 30.51 0.70
N THR C 118 -0.28 30.60 1.04
CA THR C 118 -1.23 31.50 0.40
C THR C 118 -1.96 32.28 1.49
N THR C 119 -1.65 33.57 1.61
CA THR C 119 -2.25 34.39 2.65
C THR C 119 -3.65 34.83 2.26
N VAL C 120 -4.62 34.55 3.11
CA VAL C 120 -6.02 34.90 2.87
C VAL C 120 -6.49 35.82 3.99
N THR C 121 -6.91 37.03 3.63
CA THR C 121 -7.36 38.03 4.59
C THR C 121 -8.86 38.27 4.40
N VAL C 122 -9.63 38.13 5.47
CA VAL C 122 -11.07 38.32 5.42
C VAL C 122 -11.41 39.48 6.34
N SER C 123 -11.65 40.66 5.77
CA SER C 123 -11.95 41.86 6.53
C SER C 123 -13.18 42.53 5.95
N SER C 124 -13.65 43.57 6.64
CA SER C 124 -14.86 44.28 6.26
C SER C 124 -14.61 45.63 5.63
N ALA C 125 -13.49 46.28 5.94
CA ALA C 125 -13.28 47.68 5.58
C ALA C 125 -12.84 47.82 4.12
N SER C 126 -12.42 49.01 3.76
CA SER C 126 -12.07 49.36 2.38
C SER C 126 -10.59 49.67 2.28
N THR C 127 -10.10 49.70 1.04
CA THR C 127 -8.70 50.01 0.78
C THR C 127 -8.42 51.48 1.10
N LYS C 128 -7.35 51.73 1.84
CA LYS C 128 -7.10 53.05 2.40
C LYS C 128 -5.59 53.27 2.43
N GLY C 129 -5.18 54.53 2.55
CA GLY C 129 -3.79 54.85 2.69
C GLY C 129 -3.39 55.08 4.13
N PRO C 130 -2.10 55.11 4.41
CA PRO C 130 -1.62 55.31 5.78
C PRO C 130 -1.71 56.79 6.17
N SER C 131 -1.28 57.07 7.40
CA SER C 131 -1.25 58.43 7.92
C SER C 131 -0.04 58.54 8.85
N VAL C 132 1.07 59.03 8.32
CA VAL C 132 2.32 59.10 9.07
C VAL C 132 2.25 60.29 10.01
N PHE C 133 2.62 60.07 11.28
CA PHE C 133 2.65 61.12 12.28
C PHE C 133 4.05 61.16 12.89
N PRO C 134 4.74 62.30 12.85
CA PRO C 134 6.13 62.35 13.30
C PRO C 134 6.24 62.34 14.82
N GLY C 135 6.84 61.27 15.35
CA GLY C 135 6.99 61.11 16.79
C GLY C 135 8.31 61.60 17.33
N ALA C 136 8.50 62.92 17.36
CA ALA C 136 9.74 63.49 17.87
C ALA C 136 9.81 63.33 19.40
N PRO C 137 11.02 63.14 19.96
CA PRO C 137 11.14 62.99 21.41
C PRO C 137 10.93 64.29 22.16
N ALA C 148 15.80 57.64 19.48
CA ALA C 148 14.47 57.66 20.09
C ALA C 148 13.55 58.61 19.33
N LEU C 149 13.13 58.19 18.15
CA LEU C 149 12.31 59.02 17.26
C LEU C 149 11.62 58.10 16.27
N GLY C 150 10.32 58.30 16.07
CA GLY C 150 9.59 57.32 15.28
C GLY C 150 8.37 57.76 14.49
N CYS C 151 8.37 57.47 13.20
CA CYS C 151 7.22 57.69 12.35
C CYS C 151 6.13 56.67 12.69
N LEU C 152 4.92 57.15 12.90
CA LEU C 152 3.81 56.31 13.35
C LEU C 152 2.85 56.12 12.18
N VAL C 153 3.04 55.03 11.45
CA VAL C 153 2.14 54.68 10.37
C VAL C 153 0.83 54.19 10.96
N LYS C 154 -0.28 54.86 10.63
CA LYS C 154 -1.52 54.62 11.35
C LYS C 154 -2.70 54.59 10.40
N ASP C 155 -3.62 53.65 10.66
CA ASP C 155 -4.94 53.52 10.03
C ASP C 155 -4.83 53.32 8.52
N TYR C 156 -4.28 52.17 8.15
CA TYR C 156 -4.18 51.76 6.76
C TYR C 156 -4.84 50.41 6.56
N PHE C 157 -4.92 50.00 5.30
CA PHE C 157 -5.43 48.70 4.86
C PHE C 157 -5.07 48.52 3.39
N PRO C 158 -4.66 47.32 2.96
CA PRO C 158 -4.34 46.14 3.78
C PRO C 158 -2.85 46.00 4.04
N GLU C 159 -2.51 45.13 4.98
CA GLU C 159 -1.13 44.80 5.30
C GLU C 159 -0.48 44.16 4.06
N PRO C 160 0.80 44.45 3.76
CA PRO C 160 1.88 45.20 4.44
C PRO C 160 2.14 46.64 3.99
N VAL C 161 3.03 47.29 4.75
CA VAL C 161 3.68 48.53 4.36
C VAL C 161 5.19 48.28 4.40
N THR C 162 5.98 49.26 3.96
CA THR C 162 7.43 49.18 4.03
C THR C 162 7.95 50.50 4.57
N VAL C 163 8.78 50.45 5.60
CA VAL C 163 9.32 51.63 6.27
C VAL C 163 10.84 51.57 6.20
N SER C 164 11.47 52.66 5.78
CA SER C 164 12.92 52.77 5.81
C SER C 164 13.30 54.16 6.33
N TRP C 165 14.58 54.34 6.62
CA TRP C 165 15.11 55.60 7.15
C TRP C 165 16.26 56.09 6.27
N ASN C 166 16.30 57.40 6.06
CA ASN C 166 17.27 58.08 5.18
C ASN C 166 17.30 57.49 3.77
N SER C 167 16.12 57.10 3.28
CA SER C 167 15.94 56.42 1.99
C SER C 167 16.80 55.15 1.88
N GLY C 168 16.92 54.44 3.00
CA GLY C 168 17.67 53.20 3.01
C GLY C 168 19.14 53.37 3.34
N ALA C 169 19.49 54.40 4.11
CA ALA C 169 20.88 54.66 4.46
C ALA C 169 21.13 54.52 5.95
N LEU C 170 20.37 53.68 6.65
CA LEU C 170 20.55 53.45 8.07
C LEU C 170 20.03 52.07 8.44
N THR C 171 20.88 51.25 9.05
CA THR C 171 20.51 49.89 9.44
C THR C 171 20.65 49.62 10.93
N SER C 172 21.45 50.38 11.67
CA SER C 172 21.69 50.12 13.08
C SER C 172 20.64 50.81 13.92
N GLY C 173 20.05 50.08 14.86
CA GLY C 173 19.01 50.62 15.73
C GLY C 173 17.65 50.71 15.10
N VAL C 174 17.50 50.35 13.83
CA VAL C 174 16.23 50.47 13.13
C VAL C 174 15.33 49.33 13.57
N HIS C 175 14.27 49.65 14.30
CA HIS C 175 13.26 48.68 14.70
C HIS C 175 11.97 48.93 13.92
N THR C 176 11.25 47.86 13.65
CA THR C 176 9.91 47.94 13.06
C THR C 176 9.05 46.89 13.73
N PHE C 177 8.12 47.33 14.55
CA PHE C 177 7.26 46.43 15.29
C PHE C 177 6.22 45.79 14.37
N PRO C 178 5.73 44.60 14.71
CA PRO C 178 4.67 43.99 13.91
C PRO C 178 3.36 44.75 14.02
N ALA C 179 2.61 44.74 12.91
CA ALA C 179 1.36 45.47 12.83
C ALA C 179 0.27 44.78 13.64
N VAL C 180 -0.41 45.54 14.49
CA VAL C 180 -1.50 45.02 15.28
C VAL C 180 -2.81 45.48 14.66
N LEU C 181 -3.90 44.82 15.04
CA LEU C 181 -5.22 45.11 14.53
C LEU C 181 -6.01 45.91 15.56
N GLN C 182 -6.65 46.99 15.11
CA GLN C 182 -7.41 47.87 15.97
C GLN C 182 -8.86 47.41 16.01
N SER C 183 -9.74 48.26 16.54
CA SER C 183 -11.17 47.98 16.59
C SER C 183 -11.95 48.70 15.49
N SER C 184 -11.26 49.37 14.56
CA SER C 184 -11.89 49.96 13.40
C SER C 184 -11.57 49.20 12.12
N GLY C 185 -10.98 48.01 12.22
CA GLY C 185 -10.65 47.22 11.07
C GLY C 185 -9.39 47.63 10.33
N LEU C 186 -8.58 48.51 10.91
CA LEU C 186 -7.38 49.01 10.25
C LEU C 186 -6.15 48.64 11.06
N TYR C 187 -5.02 48.50 10.37
CA TYR C 187 -3.77 48.12 11.00
C TYR C 187 -2.91 49.36 11.27
N SER C 188 -1.94 49.19 12.16
CA SER C 188 -1.08 50.30 12.55
C SER C 188 0.20 49.74 13.19
N LEU C 189 1.34 50.30 12.78
CA LEU C 189 2.62 49.88 13.34
C LEU C 189 3.45 51.11 13.66
N SER C 190 4.54 50.87 14.38
CA SER C 190 5.50 51.89 14.77
C SER C 190 6.86 51.55 14.19
N SER C 191 7.75 52.54 14.17
CA SER C 191 9.09 52.32 13.64
C SER C 191 10.03 53.32 14.29
N VAL C 192 10.78 52.88 15.30
CA VAL C 192 11.67 53.76 16.04
C VAL C 192 13.10 53.47 15.63
N VAL C 193 13.99 54.39 16.00
CA VAL C 193 15.43 54.22 15.79
C VAL C 193 16.14 55.12 16.81
N THR C 194 17.35 54.73 17.19
CA THR C 194 18.19 55.58 18.03
C THR C 194 19.34 56.15 17.23
N GLN C 203 21.85 66.57 12.47
CA GLN C 203 21.59 65.62 11.41
C GLN C 203 20.09 65.52 11.14
N THR C 204 19.71 65.47 9.86
CA THR C 204 18.32 65.39 9.46
C THR C 204 17.98 63.96 9.08
N TYR C 205 16.92 63.41 9.69
CA TYR C 205 16.45 62.06 9.42
C TYR C 205 15.05 62.12 8.82
N ILE C 206 14.80 61.29 7.82
CA ILE C 206 13.54 61.26 7.09
C ILE C 206 13.12 59.81 6.90
N CYS C 207 11.90 59.47 7.30
CA CYS C 207 11.35 58.15 7.02
C CYS C 207 10.59 58.15 5.71
N ASN C 208 10.48 56.97 5.10
CA ASN C 208 9.89 56.82 3.78
C ASN C 208 8.97 55.59 3.79
N VAL C 209 7.68 55.82 3.59
CA VAL C 209 6.67 54.79 3.77
C VAL C 209 5.97 54.52 2.45
N ASP C 210 5.96 53.26 2.04
CA ASP C 210 5.26 52.81 0.84
C ASP C 210 4.20 51.79 1.23
N HIS C 211 3.16 51.69 0.39
CA HIS C 211 2.06 50.75 0.58
C HIS C 211 1.62 50.28 -0.81
N LYS C 212 2.10 49.11 -1.21
CA LYS C 212 1.93 48.62 -2.57
C LYS C 212 0.49 48.41 -3.06
N PRO C 213 -0.50 47.92 -2.27
CA PRO C 213 -1.85 47.74 -2.85
C PRO C 213 -2.60 49.01 -3.23
N ALA C 214 -2.05 50.20 -3.00
CA ALA C 214 -2.61 51.41 -3.59
C ALA C 214 -1.55 52.40 -4.07
N THR C 215 -0.27 52.12 -3.86
CA THR C 215 0.90 52.98 -4.06
C THR C 215 0.77 54.43 -3.59
N PRO C 216 0.57 54.73 -2.27
CA PRO C 216 0.88 56.09 -1.81
C PRO C 216 2.26 56.19 -1.19
N ARG C 217 2.84 57.38 -1.19
CA ARG C 217 4.13 57.64 -0.58
C ARG C 217 4.00 58.87 0.30
N TRP C 218 4.62 58.82 1.48
CA TRP C 218 4.54 59.91 2.45
C TRP C 218 5.92 60.03 3.09
N THR C 219 6.77 60.86 2.49
CA THR C 219 8.17 60.98 2.87
C THR C 219 8.29 62.04 3.96
N ARG C 220 7.91 61.64 5.18
CA ARG C 220 7.77 62.58 6.28
C ARG C 220 9.13 62.93 6.85
N LYS C 221 9.36 64.22 7.06
CA LYS C 221 10.55 64.71 7.75
C LYS C 221 10.28 64.75 9.25
N LEU C 222 11.15 64.11 10.02
CA LEU C 222 11.02 64.05 11.47
C LEU C 222 12.16 64.82 12.13
N SER C 223 11.81 65.65 13.09
CA SER C 223 12.77 66.50 13.78
C SER C 223 12.67 66.34 15.29
N LEU D 4 -2.68 15.45 20.50
CA LEU D 4 -1.30 15.31 20.92
C LEU D 4 -0.97 16.40 21.93
N THR D 5 0.09 16.20 22.71
CA THR D 5 0.38 17.09 23.84
C THR D 5 1.89 17.18 24.00
N GLN D 6 2.47 18.33 23.66
CA GLN D 6 3.90 18.49 23.85
C GLN D 6 4.18 19.19 25.18
N SER D 7 5.41 19.01 25.66
CA SER D 7 5.84 19.66 26.88
C SER D 7 7.35 19.78 26.83
N PRO D 8 7.94 20.92 27.22
CA PRO D 8 7.34 22.12 27.82
C PRO D 8 6.75 23.05 26.77
N ALA D 9 6.17 24.17 27.20
CA ALA D 9 5.64 25.13 26.25
C ALA D 9 6.76 25.91 25.58
N THR D 10 7.64 26.52 26.37
CA THR D 10 8.83 27.17 25.85
C THR D 10 10.05 26.52 26.49
N LEU D 11 11.16 26.53 25.76
CA LEU D 11 12.39 25.89 26.22
C LEU D 11 13.56 26.82 25.91
N SER D 12 14.45 26.98 26.90
CA SER D 12 15.53 27.96 26.83
C SER D 12 16.88 27.26 26.98
N LEU D 13 17.77 27.50 26.02
CA LEU D 13 19.11 26.90 26.06
C LEU D 13 20.13 27.94 25.62
N SER D 14 21.39 27.50 25.63
CA SER D 14 22.56 28.23 25.14
C SER D 14 23.17 27.43 23.99
N PRO D 15 23.87 28.08 23.06
CA PRO D 15 24.48 27.34 21.95
C PRO D 15 25.59 26.40 22.40
N GLY D 16 25.34 25.10 22.27
CA GLY D 16 26.29 24.10 22.69
C GLY D 16 25.66 23.08 23.64
N GLU D 17 24.42 23.34 24.03
CA GLU D 17 23.71 22.47 24.96
C GLU D 17 23.10 21.29 24.21
N ARG D 18 22.20 20.56 24.89
CA ARG D 18 21.63 19.32 24.38
C ARG D 18 20.12 19.36 24.57
N ALA D 19 19.39 19.58 23.49
CA ALA D 19 17.94 19.78 23.56
C ALA D 19 17.20 18.46 23.67
N THR D 20 16.16 18.44 24.50
CA THR D 20 15.34 17.24 24.69
C THR D 20 13.91 17.68 24.92
N LEU D 21 13.02 17.27 24.02
CA LEU D 21 11.61 17.64 24.05
C LEU D 21 10.76 16.44 23.68
N SER D 22 9.52 16.41 24.16
CA SER D 22 8.71 15.20 24.15
C SER D 22 7.30 15.45 23.64
N CYS D 23 6.78 14.52 22.86
CA CYS D 23 5.39 14.44 22.43
C CYS D 23 4.73 13.27 23.16
N ARG D 24 3.42 13.09 22.95
CA ARG D 24 2.70 12.03 23.67
C ARG D 24 1.51 11.57 22.81
N ALA D 25 1.69 10.47 22.11
CA ALA D 25 0.76 9.99 21.10
C ALA D 25 -0.33 9.13 21.73
N SER D 26 -1.02 8.35 20.90
CA SER D 26 -2.28 7.69 21.25
C SER D 26 -2.29 6.24 20.75
N GLN D 27 -3.50 5.69 20.59
CA GLN D 27 -3.90 4.29 20.81
C GLN D 27 -2.91 3.15 20.53
N SER D 28 -2.45 2.96 19.30
CA SER D 28 -2.02 1.63 18.88
C SER D 28 -0.65 1.69 18.21
N VAL D 29 -0.28 0.59 17.55
CA VAL D 29 1.02 0.43 16.89
C VAL D 29 0.95 0.79 15.40
N SER D 30 -0.25 0.94 14.86
CA SER D 30 -0.45 1.48 13.50
C SER D 30 -0.66 2.99 13.55
N SER D 31 0.26 3.69 14.21
CA SER D 31 0.11 5.08 14.59
C SER D 31 1.43 5.82 14.41
N TYR D 32 1.96 5.78 13.19
CA TYR D 32 3.22 6.42 12.80
C TYR D 32 3.32 7.88 13.25
N LEU D 33 4.52 8.33 13.56
CA LEU D 33 4.73 9.67 14.09
C LEU D 33 5.94 10.32 13.44
N ALA D 34 5.89 11.64 13.27
CA ALA D 34 6.93 12.39 12.59
C ALA D 34 7.20 13.69 13.35
N TRP D 35 8.28 14.38 12.99
CA TRP D 35 8.65 15.65 13.60
C TRP D 35 8.92 16.69 12.52
N TYR D 36 8.43 17.92 12.74
CA TYR D 36 8.56 19.01 11.79
C TYR D 36 9.21 20.22 12.44
N GLN D 37 9.88 21.03 11.63
CA GLN D 37 10.52 22.26 12.09
C GLN D 37 10.01 23.44 11.27
N GLN D 38 9.66 24.53 11.94
CA GLN D 38 9.19 25.73 11.26
C GLN D 38 9.90 26.96 11.80
N LYS D 39 10.54 27.67 10.95
CA LYS D 39 11.01 29.01 11.25
C LYS D 39 9.93 30.03 10.92
N PRO D 40 9.92 31.20 11.57
CA PRO D 40 8.84 32.17 11.31
C PRO D 40 8.96 32.80 9.93
N GLY D 41 7.87 32.74 9.17
CA GLY D 41 7.86 33.24 7.82
C GLY D 41 8.24 32.24 6.75
N GLN D 42 8.41 30.97 7.11
CA GLN D 42 8.75 29.89 6.19
C GLN D 42 7.60 28.91 6.10
N ALA D 43 7.83 27.86 5.42
CA ALA D 43 7.04 26.66 5.39
C ALA D 43 7.71 25.60 6.26
N PRO D 44 6.96 24.64 6.83
CA PRO D 44 7.60 23.61 7.67
C PRO D 44 8.50 22.65 6.91
N ARG D 45 9.05 21.67 7.62
CA ARG D 45 10.15 20.88 7.09
C ARG D 45 10.22 19.57 7.84
N LEU D 46 10.27 18.45 7.11
CA LEU D 46 10.34 17.14 7.76
C LEU D 46 11.73 16.92 8.33
N LEU D 47 11.79 16.37 9.55
CA LEU D 47 13.04 15.97 10.17
C LEU D 47 13.13 14.46 10.34
N ILE D 48 12.16 13.88 11.03
CA ILE D 48 12.15 12.48 11.42
C ILE D 48 10.83 11.88 10.94
N TYR D 49 10.86 10.65 10.44
CA TYR D 49 9.63 9.91 10.24
C TYR D 49 9.72 8.56 10.92
N ASP D 50 8.57 8.07 11.38
CA ASP D 50 8.44 6.83 12.15
C ASP D 50 9.35 6.86 13.37
N ALA D 51 9.42 8.03 13.99
CA ALA D 51 9.98 8.31 15.30
C ALA D 51 11.50 8.12 15.45
N SER D 52 12.19 7.56 14.46
CA SER D 52 13.64 7.48 14.54
C SER D 52 14.39 7.64 13.23
N ASN D 53 13.73 7.76 12.09
CA ASN D 53 14.39 7.71 10.79
C ASN D 53 14.50 9.11 10.21
N ARG D 54 15.72 9.58 10.01
CA ARG D 54 15.92 10.92 9.49
C ARG D 54 15.54 11.02 8.02
N ALA D 55 15.02 12.17 7.64
CA ALA D 55 14.73 12.45 6.25
C ALA D 55 16.03 12.79 5.53
N THR D 56 15.94 12.98 4.21
CA THR D 56 17.12 13.20 3.41
C THR D 56 17.64 14.63 3.58
N GLY D 57 18.92 14.75 3.90
CA GLY D 57 19.55 16.05 4.04
C GLY D 57 19.65 16.56 5.45
N ILE D 58 18.98 15.92 6.40
CA ILE D 58 19.06 16.35 7.80
C ILE D 58 20.39 15.87 8.38
N PRO D 59 21.14 16.74 9.07
CA PRO D 59 22.43 16.31 9.63
C PRO D 59 22.32 15.29 10.75
N ALA D 60 23.47 14.86 11.27
CA ALA D 60 23.52 13.74 12.21
C ALA D 60 23.17 14.13 13.64
N ARG D 61 22.88 15.40 13.91
CA ARG D 61 22.60 15.82 15.27
C ARG D 61 21.13 15.74 15.64
N PHE D 62 20.24 15.57 14.66
CA PHE D 62 18.82 15.35 14.93
C PHE D 62 18.57 13.85 15.00
N SER D 63 18.11 13.37 16.15
CA SER D 63 17.92 11.93 16.32
C SER D 63 16.84 11.68 17.37
N GLY D 64 15.70 11.18 16.94
CA GLY D 64 14.62 10.87 17.85
C GLY D 64 14.55 9.40 18.17
N SER D 65 13.80 9.08 19.21
CA SER D 65 13.65 7.70 19.67
C SER D 65 12.29 7.57 20.32
N GLY D 66 12.10 6.51 21.07
CA GLY D 66 10.91 6.38 21.89
C GLY D 66 9.92 5.40 21.32
N SER D 67 9.22 4.69 22.21
CA SER D 67 8.24 3.70 21.81
C SER D 67 7.17 3.60 22.88
N GLY D 68 6.06 2.98 22.52
CA GLY D 68 4.90 2.90 23.40
C GLY D 68 3.99 4.09 23.20
N THR D 69 3.79 4.87 24.26
CA THR D 69 3.04 6.12 24.19
C THR D 69 3.90 7.28 24.66
N ASP D 70 5.17 7.30 24.26
CA ASP D 70 6.07 8.37 24.64
C ASP D 70 7.15 8.47 23.59
N PHE D 71 7.34 9.67 23.06
CA PHE D 71 8.26 9.91 21.96
C PHE D 71 9.10 11.12 22.28
N THR D 72 10.38 11.07 21.97
CA THR D 72 11.29 12.19 22.22
C THR D 72 12.05 12.53 20.95
N LEU D 73 12.44 13.79 20.85
CA LEU D 73 13.41 14.27 19.88
C LEU D 73 14.61 14.80 20.66
N THR D 74 15.81 14.48 20.22
CA THR D 74 17.01 14.85 20.96
C THR D 74 18.02 15.43 20.00
N ILE D 75 18.51 16.62 20.32
CA ILE D 75 19.55 17.29 19.55
C ILE D 75 20.83 17.27 20.36
N SER D 76 21.92 16.81 19.76
CA SER D 76 23.16 16.63 20.51
C SER D 76 23.86 17.96 20.76
N SER D 77 24.31 18.62 19.70
CA SER D 77 24.99 19.91 19.82
C SER D 77 24.15 20.97 19.13
N LEU D 78 23.81 22.02 19.86
CA LEU D 78 22.84 23.01 19.42
C LEU D 78 23.57 24.10 18.65
N GLU D 79 23.19 24.30 17.40
CA GLU D 79 23.77 25.29 16.53
C GLU D 79 23.01 26.60 16.63
N PRO D 80 23.58 27.72 16.18
CA PRO D 80 22.80 28.96 16.11
C PRO D 80 21.76 29.00 15.00
N GLU D 81 21.67 27.97 14.17
CA GLU D 81 20.69 27.94 13.09
C GLU D 81 19.53 27.00 13.42
N ASP D 82 19.50 26.45 14.63
CA ASP D 82 18.51 25.46 15.02
C ASP D 82 17.54 26.00 16.05
N PHE D 83 17.16 27.27 15.94
CA PHE D 83 16.20 27.89 16.85
C PHE D 83 14.92 28.18 16.08
N ALA D 84 13.85 27.47 16.40
CA ALA D 84 12.62 27.48 15.62
C ALA D 84 11.49 26.91 16.47
N VAL D 85 10.40 26.53 15.82
CA VAL D 85 9.26 25.89 16.46
C VAL D 85 9.16 24.46 15.92
N TYR D 86 8.85 23.50 16.80
CA TYR D 86 8.86 22.08 16.48
C TYR D 86 7.50 21.45 16.73
N TYR D 87 7.07 20.57 15.81
CA TYR D 87 5.76 19.95 15.87
C TYR D 87 5.88 18.44 15.78
N CYS D 88 4.94 17.74 16.42
CA CYS D 88 4.78 16.31 16.25
C CYS D 88 3.44 16.06 15.57
N GLN D 89 3.40 15.02 14.73
CA GLN D 89 2.29 14.82 13.81
C GLN D 89 2.03 13.34 13.64
N GLN D 90 0.88 12.88 14.11
CA GLN D 90 0.52 11.47 14.03
C GLN D 90 -0.14 11.18 12.69
N ARG D 91 -0.29 9.91 12.35
CA ARG D 91 -0.99 9.49 11.13
C ARG D 91 -1.72 8.21 11.45
N SER D 92 -3.04 8.23 11.37
CA SER D 92 -3.84 7.12 11.86
C SER D 92 -5.09 6.97 11.02
N ASN D 93 -6.12 6.32 11.56
CA ASN D 93 -7.35 6.23 10.80
C ASN D 93 -8.44 7.21 11.24
N TRP D 94 -8.80 7.29 12.54
CA TRP D 94 -10.01 8.06 12.85
C TRP D 94 -9.74 9.57 12.86
N PRO D 95 -8.81 10.16 13.62
CA PRO D 95 -8.29 11.43 13.14
C PRO D 95 -7.10 11.19 12.23
N PRO D 96 -7.21 11.54 10.96
CA PRO D 96 -6.15 11.17 10.03
C PRO D 96 -4.87 11.98 10.18
N VAL D 97 -4.87 13.19 10.75
CA VAL D 97 -3.57 13.81 11.00
C VAL D 97 -3.36 14.21 12.46
N THR D 98 -4.10 15.18 13.00
CA THR D 98 -3.91 15.72 14.36
C THR D 98 -2.46 16.13 14.66
N PHE D 99 -2.06 17.27 14.10
CA PHE D 99 -0.84 17.94 14.52
C PHE D 99 -0.83 18.27 16.01
N GLY D 100 0.37 18.52 16.52
CA GLY D 100 0.56 18.90 17.91
C GLY D 100 0.44 20.39 18.12
N GLN D 101 0.90 20.86 19.27
CA GLN D 101 0.61 22.23 19.67
C GLN D 101 1.78 23.19 19.49
N GLY D 102 3.02 22.71 19.54
CA GLY D 102 4.14 23.60 19.27
C GLY D 102 5.02 23.81 20.49
N THR D 103 6.32 23.79 20.26
CA THR D 103 7.32 24.04 21.29
C THR D 103 8.36 25.00 20.71
N ARG D 104 8.54 26.13 21.36
CA ARG D 104 9.40 27.19 20.86
C ARG D 104 10.78 27.09 21.51
N LEU D 105 11.82 27.26 20.70
CA LEU D 105 13.19 27.13 21.15
C LEU D 105 13.90 28.46 20.98
N GLU D 106 14.80 28.78 21.90
CA GLU D 106 15.34 30.14 21.96
C GLU D 106 16.71 30.14 22.62
N ILE D 107 17.33 31.31 22.66
CA ILE D 107 18.70 31.52 23.12
C ILE D 107 18.63 32.15 24.50
N LYS D 108 19.63 31.85 25.33
CA LYS D 108 19.74 32.43 26.67
C LYS D 108 21.04 33.21 26.79
N ARG D 109 20.95 34.41 27.35
CA ARG D 109 22.13 35.21 27.70
C ARG D 109 21.86 35.92 29.03
N THR D 110 22.72 36.87 29.36
CA THR D 110 22.66 37.54 30.66
C THR D 110 21.48 38.50 30.72
N VAL D 111 20.91 38.63 31.93
CA VAL D 111 19.73 39.46 32.14
C VAL D 111 20.10 40.93 31.97
N ALA D 112 19.46 41.60 31.03
CA ALA D 112 19.70 43.01 30.74
C ALA D 112 18.50 43.85 31.18
N ALA D 113 18.58 45.14 30.90
CA ALA D 113 17.57 46.09 31.31
C ALA D 113 17.28 47.05 30.16
N PRO D 114 16.03 47.49 30.00
CA PRO D 114 15.69 48.37 28.89
C PRO D 114 15.90 49.84 29.20
N SER D 115 16.16 50.60 28.15
CA SER D 115 16.23 52.06 28.23
C SER D 115 14.90 52.64 27.74
N VAL D 116 14.15 53.23 28.67
CA VAL D 116 12.75 53.56 28.46
C VAL D 116 12.63 54.99 27.93
N PHE D 117 11.74 55.18 26.96
CA PHE D 117 11.46 56.49 26.36
C PHE D 117 9.95 56.72 26.38
N ILE D 118 9.54 57.89 25.90
CA ILE D 118 8.13 58.24 25.83
C ILE D 118 7.97 59.29 24.74
N PHE D 119 6.77 59.37 24.15
CA PHE D 119 6.54 60.28 23.04
C PHE D 119 5.20 61.01 23.19
N PRO D 120 5.21 62.34 23.20
CA PRO D 120 3.96 63.10 23.23
C PRO D 120 3.34 63.15 21.85
N PRO D 121 2.01 63.29 21.75
CA PRO D 121 1.37 63.29 20.43
C PRO D 121 1.60 64.62 19.71
N SER D 122 1.95 64.54 18.44
CA SER D 122 2.25 65.73 17.67
C SER D 122 0.96 66.46 17.28
N ASP D 123 1.11 67.73 16.91
CA ASP D 123 -0.04 68.59 16.65
C ASP D 123 -0.78 68.17 15.39
N GLU D 124 -0.07 67.55 14.44
CA GLU D 124 -0.69 66.96 13.26
C GLU D 124 -1.73 65.92 13.67
N GLN D 125 -1.39 65.08 14.63
CA GLN D 125 -2.34 64.10 15.13
C GLN D 125 -3.38 64.74 16.04
N LEU D 126 -3.02 65.82 16.73
CA LEU D 126 -3.96 66.48 17.63
C LEU D 126 -5.06 67.21 16.87
N LYS D 127 -4.82 67.59 15.62
CA LYS D 127 -5.88 68.15 14.80
C LYS D 127 -6.93 67.11 14.43
N SER D 128 -6.53 65.83 14.38
CA SER D 128 -7.39 64.80 13.80
C SER D 128 -8.56 64.44 14.71
N GLY D 129 -8.34 64.42 16.01
CA GLY D 129 -9.38 64.06 16.97
C GLY D 129 -9.04 62.87 17.84
N THR D 130 -8.03 62.09 17.48
CA THR D 130 -7.59 60.96 18.27
C THR D 130 -6.09 61.06 18.46
N ALA D 131 -5.63 60.96 19.71
CA ALA D 131 -4.22 61.05 20.03
C ALA D 131 -3.69 59.70 20.49
N SER D 132 -2.40 59.46 20.26
CA SER D 132 -1.77 58.20 20.63
C SER D 132 -0.40 58.50 21.22
N VAL D 133 -0.16 57.95 22.41
CA VAL D 133 1.04 58.23 23.19
C VAL D 133 1.84 56.93 23.30
N VAL D 134 3.04 56.93 22.74
CA VAL D 134 3.88 55.73 22.63
C VAL D 134 4.85 55.70 23.80
N CYS D 135 5.02 54.52 24.41
CA CYS D 135 6.01 54.32 25.45
C CYS D 135 6.88 53.12 25.04
N LEU D 136 8.19 53.33 25.00
CA LEU D 136 9.11 52.46 24.27
C LEU D 136 10.10 51.78 25.21
N LEU D 137 10.40 50.52 24.93
CA LEU D 137 11.47 49.78 25.57
C LEU D 137 12.49 49.40 24.51
N ASN D 138 13.69 49.01 24.94
CA ASN D 138 14.74 48.68 23.97
C ASN D 138 15.75 47.74 24.61
N ASN D 139 15.97 46.58 23.97
CA ASN D 139 17.11 45.69 24.18
C ASN D 139 17.17 45.17 25.63
N PHE D 140 16.20 44.33 25.95
CA PHE D 140 16.13 43.68 27.26
C PHE D 140 15.91 42.18 27.07
N TYR D 141 16.53 41.37 27.93
CA TYR D 141 16.32 39.92 27.88
C TYR D 141 15.99 39.35 29.26
N PRO D 142 14.82 39.62 29.75
CA PRO D 142 13.92 38.53 30.11
C PRO D 142 12.95 38.39 28.95
N ARG D 143 12.06 37.42 28.95
CA ARG D 143 11.02 37.47 27.93
C ARG D 143 9.91 38.43 28.34
N GLU D 144 9.72 38.63 29.65
CA GLU D 144 8.52 39.24 30.17
C GLU D 144 8.78 40.64 30.71
N ALA D 145 7.74 41.47 30.62
CA ALA D 145 7.72 42.80 31.20
C ALA D 145 6.26 43.19 31.35
N LYS D 146 6.01 44.23 32.16
CA LYS D 146 4.67 44.77 32.32
C LYS D 146 4.78 46.28 32.20
N VAL D 147 4.06 46.85 31.24
CA VAL D 147 4.04 48.29 31.00
C VAL D 147 2.67 48.80 31.42
N GLN D 148 2.65 49.74 32.35
CA GLN D 148 1.41 50.22 32.94
C GLN D 148 1.30 51.72 32.78
N TRP D 149 0.11 52.16 32.42
CA TRP D 149 -0.17 53.58 32.20
C TRP D 149 -0.82 54.19 33.44
N LYS D 150 -0.40 55.41 33.77
CA LYS D 150 -0.94 56.15 34.90
C LYS D 150 -1.20 57.58 34.46
N VAL D 151 -2.46 58.00 34.53
CA VAL D 151 -2.88 59.36 34.16
C VAL D 151 -3.52 60.00 35.37
N ASP D 152 -2.95 61.12 35.82
CA ASP D 152 -3.42 61.93 36.96
C ASP D 152 -3.53 61.12 38.25
N ASN D 159 -7.55 52.76 27.07
CA ASN D 159 -6.85 51.48 26.99
C ASN D 159 -5.66 51.56 26.06
N SER D 160 -4.94 50.44 25.93
CA SER D 160 -3.70 50.41 25.15
C SER D 160 -3.46 49.01 24.62
N GLN D 161 -2.61 48.92 23.60
CA GLN D 161 -2.18 47.66 23.01
C GLN D 161 -0.67 47.69 22.81
N GLU D 162 -0.07 46.51 22.79
CA GLU D 162 1.38 46.40 22.69
C GLU D 162 1.76 45.39 21.61
N SER D 163 3.01 45.49 21.16
CA SER D 163 3.55 44.62 20.12
C SER D 163 5.03 44.40 20.40
N VAL D 164 5.47 43.17 20.18
CA VAL D 164 6.78 42.69 20.64
C VAL D 164 7.57 42.17 19.44
N THR D 165 8.81 42.63 19.28
CA THR D 165 9.67 42.07 18.24
C THR D 165 10.24 40.73 18.69
N GLU D 166 10.86 40.03 17.74
CA GLU D 166 11.39 38.70 18.02
C GLU D 166 12.86 38.81 18.45
N GLN D 167 13.54 37.66 18.48
CA GLN D 167 14.97 37.61 18.78
C GLN D 167 15.76 38.35 17.72
N ASP D 168 16.71 39.16 18.18
CA ASP D 168 17.62 39.82 17.24
C ASP D 168 18.78 38.89 16.91
N SER D 169 19.29 39.02 15.69
CA SER D 169 20.32 38.12 15.19
C SER D 169 21.73 38.62 15.47
N LYS D 170 21.88 39.61 16.36
CA LYS D 170 23.21 40.14 16.67
C LYS D 170 23.47 40.18 18.17
N ASP D 171 22.42 40.34 18.98
CA ASP D 171 22.60 40.29 20.42
C ASP D 171 21.54 39.47 21.16
N SER D 172 20.48 39.02 20.49
CA SER D 172 19.41 38.17 21.05
C SER D 172 18.69 38.85 22.22
N THR D 173 18.09 40.01 21.92
CA THR D 173 17.26 40.73 22.89
C THR D 173 15.89 41.00 22.29
N TYR D 174 15.07 41.79 22.99
CA TYR D 174 13.75 42.11 22.47
C TYR D 174 13.54 43.61 22.38
N SER D 175 12.30 44.01 22.11
CA SER D 175 11.83 45.38 22.30
C SER D 175 10.32 45.31 22.50
N LEU D 176 9.73 46.46 22.81
CA LEU D 176 8.30 46.53 23.06
C LEU D 176 7.88 47.98 22.93
N SER D 177 6.62 48.20 22.58
CA SER D 177 6.07 49.55 22.54
C SER D 177 4.58 49.49 22.84
N SER D 178 4.17 50.17 23.90
CA SER D 178 2.76 50.32 24.23
C SER D 178 2.27 51.67 23.71
N THR D 179 0.97 51.75 23.47
CA THR D 179 0.37 52.93 22.84
C THR D 179 -0.96 53.23 23.51
N LEU D 180 -0.98 54.24 24.37
CA LEU D 180 -2.23 54.74 24.94
C LEU D 180 -2.96 55.56 23.90
N THR D 181 -4.17 55.16 23.56
CA THR D 181 -4.98 55.82 22.55
C THR D 181 -6.12 56.57 23.22
N LEU D 182 -6.15 57.89 23.04
CA LEU D 182 -7.15 58.75 23.65
C LEU D 182 -7.71 59.69 22.60
N SER D 183 -8.94 60.16 22.84
CA SER D 183 -9.57 61.15 21.99
C SER D 183 -8.96 62.53 22.24
N LYS D 184 -9.35 63.49 21.40
CA LYS D 184 -8.82 64.84 21.53
C LYS D 184 -9.33 65.53 22.78
N ALA D 185 -10.63 65.44 23.04
CA ALA D 185 -11.23 66.16 24.17
C ALA D 185 -10.78 65.57 25.49
N ASP D 186 -10.64 64.25 25.56
CA ASP D 186 -10.19 63.62 26.80
C ASP D 186 -8.72 63.87 27.06
N TYR D 187 -7.94 64.09 26.00
CA TYR D 187 -6.57 64.53 26.17
C TYR D 187 -6.50 66.00 26.55
N GLU D 188 -7.49 66.80 26.15
CA GLU D 188 -7.57 68.18 26.62
C GLU D 188 -7.95 68.26 28.08
N LYS D 189 -8.78 67.33 28.56
CA LYS D 189 -9.18 67.33 29.97
C LYS D 189 -8.05 66.95 30.90
N CYS D 195 4.10 56.14 32.68
CA CYS D 195 4.42 54.85 32.07
C CYS D 195 5.44 54.10 32.92
N GLU D 196 4.96 53.30 33.87
CA GLU D 196 5.83 52.55 34.76
C GLU D 196 6.17 51.20 34.15
N VAL D 197 7.46 50.86 34.13
CA VAL D 197 7.96 49.65 33.51
C VAL D 197 8.28 48.66 34.61
N THR D 198 7.45 47.63 34.75
CA THR D 198 7.72 46.55 35.69
C THR D 198 8.70 45.59 35.03
N HIS D 199 9.81 45.33 35.71
CA HIS D 199 10.94 44.66 35.07
C HIS D 199 11.80 44.04 36.17
N GLN D 200 12.26 42.81 35.94
CA GLN D 200 13.01 42.11 36.98
C GLN D 200 14.50 42.41 36.95
N GLY D 201 15.02 42.91 35.84
CA GLY D 201 16.42 43.27 35.74
C GLY D 201 16.77 44.67 36.16
N LEU D 202 15.78 45.48 36.54
CA LEU D 202 16.05 46.83 37.04
C LEU D 202 16.35 46.80 38.54
C1 NAG E . 15.17 -43.29 -24.25
C2 NAG E . 14.74 -43.95 -25.56
C3 NAG E . 15.73 -45.04 -25.95
C4 NAG E . 17.15 -44.48 -26.01
C5 NAG E . 17.50 -43.82 -24.69
C6 NAG E . 18.87 -43.16 -24.69
C7 NAG E . 12.31 -43.79 -25.88
C8 NAG E . 11.00 -44.48 -25.71
N2 NAG E . 13.39 -44.47 -25.48
O3 NAG E . 15.36 -45.60 -27.20
O4 NAG E . 18.07 -45.52 -26.29
O5 NAG E . 16.54 -42.79 -24.37
O6 NAG E . 18.89 -42.01 -25.54
O7 NAG E . 12.40 -42.64 -26.31
C1 NAG F . 21.74 -20.54 -5.16
C2 NAG F . 21.96 -22.03 -5.42
C3 NAG F . 23.10 -22.54 -4.54
C4 NAG F . 24.36 -21.71 -4.72
C5 NAG F . 24.04 -20.24 -4.46
C6 NAG F . 25.22 -19.33 -4.71
C7 NAG F . 20.09 -23.47 -6.13
C8 NAG F . 20.67 -23.42 -7.51
N2 NAG F . 20.74 -22.78 -5.19
O3 NAG F . 23.36 -23.90 -4.85
O4 NAG F . 25.38 -22.15 -3.85
O5 NAG F . 22.99 -19.82 -5.33
O6 NAG F . 24.79 -17.98 -4.85
O7 NAG F . 19.06 -24.09 -5.88
C1 NAG G . -14.24 -17.07 -9.99
C2 NAG G . -13.78 -16.93 -8.53
C3 NAG G . -14.96 -16.59 -7.63
C4 NAG G . -15.67 -15.34 -8.15
C5 NAG G . -16.08 -15.53 -9.61
C6 NAG G . -16.69 -14.30 -10.24
C7 NAG G . -12.10 -18.12 -7.21
C8 NAG G . -11.53 -19.45 -6.83
N2 NAG G . -13.12 -18.13 -8.07
O3 NAG G . -14.51 -16.36 -6.30
O4 NAG G . -16.84 -15.10 -7.37
O5 NAG G . -14.93 -15.86 -10.40
O6 NAG G . -15.91 -13.85 -11.33
O7 NAG G . -11.66 -17.07 -6.74
#